data_8JAZ
#
_entry.id   8JAZ
#
_cell.length_a   60.330
_cell.length_b   40.030
_cell.length_c   188.290
_cell.angle_alpha   90.000
_cell.angle_beta   91.450
_cell.angle_gamma   90.000
#
_symmetry.space_group_name_H-M   'P 1 21 1'
#
loop_
_entity.id
_entity.type
_entity.pdbx_description
1 polymer 'mannuronan 5-epimerase'
2 branched 'beta-D-mannopyranuronic acid-(1-4)-beta-D-mannopyranuronic acid'
3 non-polymer 'CALCIUM ION'
4 water water
#
_entity_poly.entity_id   1
_entity_poly.type   'polypeptide(L)'
_entity_poly.pdbx_seq_one_letter_code
;MDFDV(MLY)DFGAKGDGKSDDTEAIQAAIDAAYEAGGGTVRLSAGEYRVSGGDEASDGALMI(MLY)SNVYMDGAGMGE
TVI(MLY)LVDGWDQ(MLY)LTGIIRS(MLY)NGE(MLY)THDYGIRDLTLDGNQDNTEGEVDGFYTGYIPREDGADYNV
TAERVEIREVSRYGFDPHEQTINLTIRDSVAHNNGKDGFVGDFQIDSTFENNVSHDNGRHGFNIVTSSHDILLRDNVAYG
NGANGLVVQRGSEDIAHPYNIQIEGGAYHDNGAEGVLI(MLY)MTSNASLQGAEIYGNDAAGVRVRGVDGMQLLDNDIHD
NAQGGGKAEIVLEDYDDRDGVSGNYYETLNATVQGNRVAGAAQLLSSEGRDLLDGAAGNDLLDGGAGRDTLSGGGGADTF
RFADRQDSFRNYEGDTSRVDDIVDFTPGADLIDLSGLGYSGLGDGYNGTLALLLNEDGTKTYLKDRQADAQGNHFEIALD
GNLVDSLSATDIAFDATQLELLGTTDLQTDQVALEHHHHHH
;
_entity_poly.pdbx_strand_id   A,B
#
# COMPACT_ATOMS: atom_id res chain seq x y z
N MET A 1 26.00 22.50 -67.72
CA MET A 1 25.11 23.62 -67.49
C MET A 1 23.86 23.22 -66.71
N ASP A 2 23.01 24.21 -66.46
CA ASP A 2 21.70 24.04 -65.86
C ASP A 2 20.65 23.92 -66.97
N PHE A 3 19.49 23.41 -66.60
CA PHE A 3 18.42 23.19 -67.56
C PHE A 3 17.31 24.18 -67.24
N ASP A 4 17.04 25.09 -68.17
CA ASP A 4 16.09 26.17 -67.97
C ASP A 4 14.75 25.75 -68.55
N VAL A 5 13.72 25.80 -67.72
CA VAL A 5 12.39 25.35 -68.13
C VAL A 5 11.83 26.22 -69.24
N ASP A 7 13.55 27.29 -71.63
CA ASP A 7 14.18 26.82 -72.85
C ASP A 7 13.41 25.61 -73.35
N PHE A 8 12.62 25.02 -72.46
CA PHE A 8 11.79 23.86 -72.77
C PHE A 8 10.33 24.22 -73.00
N GLY A 9 10.01 25.51 -73.12
CA GLY A 9 8.68 25.95 -73.46
C GLY A 9 7.82 26.42 -72.30
N ALA A 10 8.37 26.47 -71.09
CA ALA A 10 7.62 27.00 -69.95
C ALA A 10 7.42 28.50 -70.11
N LYS A 11 6.19 28.95 -69.85
CA LYS A 11 5.86 30.35 -70.04
C LYS A 11 6.00 31.16 -68.76
N GLY A 12 5.62 30.58 -67.62
CA GLY A 12 5.70 31.29 -66.35
C GLY A 12 4.87 32.55 -66.32
N ASP A 13 3.66 32.51 -66.88
CA ASP A 13 2.82 33.69 -67.03
C ASP A 13 1.56 33.64 -66.16
N GLY A 14 1.37 32.58 -65.38
CA GLY A 14 0.24 32.49 -64.48
C GLY A 14 -1.04 31.92 -65.07
N LYS A 15 -1.07 31.61 -66.36
CA LYS A 15 -2.23 30.96 -66.96
C LYS A 15 -1.88 29.66 -67.69
N SER A 16 -0.77 29.63 -68.43
CA SER A 16 -0.49 28.48 -69.26
C SER A 16 -0.06 27.28 -68.41
N ASP A 17 -0.45 26.09 -68.85
CA ASP A 17 -0.09 24.87 -68.14
C ASP A 17 1.34 24.51 -68.52
N ASP A 18 2.26 24.72 -67.59
CA ASP A 18 3.69 24.52 -67.83
C ASP A 18 4.18 23.15 -67.39
N THR A 19 3.26 22.24 -67.05
CA THR A 19 3.67 20.94 -66.50
C THR A 19 4.60 20.19 -67.44
N GLU A 20 4.24 20.14 -68.72
CA GLU A 20 5.02 19.37 -69.69
C GLU A 20 6.42 19.92 -69.86
N ALA A 21 6.57 21.25 -69.89
CA ALA A 21 7.88 21.86 -70.06
C ALA A 21 8.77 21.62 -68.83
N ILE A 22 8.21 21.79 -67.63
CA ILE A 22 8.97 21.55 -66.41
C ILE A 22 9.42 20.09 -66.36
N GLN A 23 8.50 19.16 -66.68
CA GLN A 23 8.85 17.75 -66.65
C GLN A 23 9.87 17.41 -67.72
N ALA A 24 9.81 18.05 -68.88
CA ALA A 24 10.83 17.84 -69.91
C ALA A 24 12.20 18.30 -69.42
N ALA A 25 12.25 19.44 -68.72
CA ALA A 25 13.51 19.90 -68.15
C ALA A 25 14.05 18.89 -67.13
N ILE A 26 13.16 18.38 -66.27
CA ILE A 26 13.56 17.38 -65.27
C ILE A 26 14.09 16.12 -65.96
N ASP A 27 13.38 15.65 -66.99
CA ASP A 27 13.80 14.46 -67.70
C ASP A 27 15.14 14.66 -68.40
N ALA A 28 15.34 15.83 -69.00
CA ALA A 28 16.63 16.12 -69.63
C ALA A 28 17.75 16.13 -68.62
N ALA A 29 17.51 16.71 -67.43
CA ALA A 29 18.52 16.66 -66.37
C ALA A 29 18.81 15.23 -65.96
N TYR A 30 17.77 14.39 -65.89
CA TYR A 30 17.94 12.98 -65.53
C TYR A 30 18.75 12.23 -66.58
N GLU A 31 18.45 12.48 -67.86
CA GLU A 31 19.13 11.77 -68.96
C GLU A 31 20.62 12.02 -68.94
N ALA A 32 21.04 13.22 -68.57
CA ALA A 32 22.46 13.55 -68.50
C ALA A 32 23.15 12.92 -67.30
N GLY A 33 22.40 12.26 -66.42
CA GLY A 33 22.96 11.69 -65.22
C GLY A 33 22.79 12.55 -63.98
N GLY A 34 22.05 13.65 -64.07
CA GLY A 34 21.84 14.53 -62.94
C GLY A 34 22.11 15.98 -63.28
N GLY A 35 21.51 16.89 -62.53
CA GLY A 35 21.71 18.31 -62.79
C GLY A 35 20.69 19.16 -62.06
N THR A 36 20.71 20.44 -62.40
CA THR A 36 19.82 21.43 -61.81
C THR A 36 18.84 21.92 -62.86
N VAL A 37 17.55 21.84 -62.54
CA VAL A 37 16.48 22.39 -63.35
C VAL A 37 16.15 23.75 -62.75
N ARG A 38 16.45 24.82 -63.48
CA ARG A 38 16.33 26.18 -62.95
C ARG A 38 15.09 26.84 -63.51
N LEU A 39 14.34 27.51 -62.63
CA LEU A 39 13.18 28.31 -63.02
C LEU A 39 13.45 29.75 -62.63
N SER A 40 13.34 30.66 -63.60
CA SER A 40 13.48 32.07 -63.32
C SER A 40 12.22 32.58 -62.63
N ALA A 41 12.22 33.87 -62.32
CA ALA A 41 11.06 34.47 -61.66
C ALA A 41 9.82 34.36 -62.54
N GLY A 42 8.71 34.01 -61.91
CA GLY A 42 7.44 33.86 -62.62
C GLY A 42 6.52 32.92 -61.87
N GLU A 43 5.28 32.87 -62.34
CA GLU A 43 4.26 31.97 -61.80
C GLU A 43 4.00 30.89 -62.84
N TYR A 44 4.34 29.65 -62.50
CA TYR A 44 4.18 28.51 -63.39
C TYR A 44 2.98 27.70 -62.95
N ARG A 45 2.00 27.55 -63.83
CA ARG A 45 0.81 26.76 -63.55
C ARG A 45 1.06 25.31 -63.92
N VAL A 46 0.70 24.39 -63.02
CA VAL A 46 0.89 22.97 -63.22
C VAL A 46 -0.41 22.24 -62.92
N SER A 47 -0.52 21.01 -63.42
CA SER A 47 -1.68 20.18 -63.21
C SER A 47 -1.21 18.75 -62.95
N GLY A 48 -2.14 17.91 -62.50
CA GLY A 48 -1.84 16.54 -62.18
C GLY A 48 -2.04 15.61 -63.36
N GLY A 49 -1.97 14.31 -63.08
CA GLY A 49 -2.12 13.31 -64.12
C GLY A 49 -3.36 12.47 -64.02
N ASP A 50 -3.26 11.20 -64.41
CA ASP A 50 -4.40 10.29 -64.37
C ASP A 50 -4.69 9.79 -62.96
N GLU A 51 -3.68 9.61 -62.13
CA GLU A 51 -3.83 9.03 -60.81
C GLU A 51 -3.32 10.00 -59.76
N ALA A 52 -3.70 9.74 -58.51
CA ALA A 52 -3.24 10.57 -57.40
C ALA A 52 -1.74 10.46 -57.23
N SER A 53 -1.18 9.26 -57.38
CA SER A 53 0.24 9.03 -57.17
C SER A 53 1.10 9.68 -58.25
N ASP A 54 0.50 10.18 -59.33
CA ASP A 54 1.28 10.89 -60.33
C ASP A 54 1.74 12.26 -59.86
N GLY A 55 1.04 12.84 -58.88
CA GLY A 55 1.37 14.19 -58.46
C GLY A 55 1.20 15.18 -59.59
N ALA A 56 2.06 16.21 -59.59
CA ALA A 56 2.10 17.16 -60.68
C ALA A 56 3.43 17.09 -61.43
N LEU A 57 4.54 17.26 -60.73
CA LEU A 57 5.87 17.12 -61.31
C LEU A 57 6.59 15.96 -60.64
N MET A 58 7.23 15.12 -61.44
CA MET A 58 7.88 13.91 -60.95
C MET A 58 9.38 14.18 -60.94
N ILE A 59 9.91 14.55 -59.77
CA ILE A 59 11.34 14.77 -59.63
C ILE A 59 12.06 13.43 -59.57
N SER A 61 16.06 11.04 -59.49
CA SER A 61 17.37 10.91 -58.87
C SER A 61 18.42 11.81 -59.52
N ASN A 62 19.20 12.48 -58.67
CA ASN A 62 20.30 13.36 -59.02
C ASN A 62 19.82 14.67 -59.64
N VAL A 63 18.52 14.99 -59.52
CA VAL A 63 17.95 16.18 -60.13
C VAL A 63 17.47 17.11 -59.02
N TYR A 64 17.92 18.37 -59.06
CA TYR A 64 17.49 19.39 -58.11
C TYR A 64 16.75 20.49 -58.85
N MET A 65 15.59 20.89 -58.33
CA MET A 65 14.83 22.01 -58.87
C MET A 65 15.16 23.26 -58.06
N ASP A 66 15.51 24.34 -58.77
CA ASP A 66 16.04 25.54 -58.13
C ASP A 66 15.40 26.76 -58.77
N GLY A 67 14.57 27.47 -58.02
CA GLY A 67 13.90 28.65 -58.51
C GLY A 67 14.61 29.95 -58.13
N ALA A 68 13.92 31.06 -58.36
CA ALA A 68 14.45 32.39 -58.09
C ALA A 68 14.19 32.87 -56.67
N GLY A 69 13.50 32.08 -55.85
CA GLY A 69 13.22 32.48 -54.49
C GLY A 69 11.76 32.32 -54.10
N MET A 70 11.51 32.21 -52.79
CA MET A 70 10.13 32.14 -52.30
C MET A 70 9.35 33.38 -52.71
N GLY A 71 8.16 33.17 -53.26
CA GLY A 71 7.34 34.25 -53.75
C GLY A 71 7.74 34.79 -55.11
N GLU A 72 8.96 34.50 -55.56
CA GLU A 72 9.44 34.92 -56.87
C GLU A 72 9.26 33.84 -57.93
N THR A 73 9.66 32.61 -57.62
CA THR A 73 9.29 31.44 -58.42
C THR A 73 8.16 30.72 -57.71
N VAL A 74 6.99 30.67 -58.34
CA VAL A 74 5.79 30.10 -57.74
C VAL A 74 5.27 29.02 -58.68
N ILE A 75 5.17 27.79 -58.16
CA ILE A 75 4.57 26.69 -58.90
C ILE A 75 3.16 26.49 -58.34
N LEU A 77 -0.89 25.22 -58.69
CA LEU A 77 -1.87 24.33 -59.30
C LEU A 77 -2.90 25.11 -60.12
N VAL A 78 -3.26 24.56 -61.28
CA VAL A 78 -4.16 25.26 -62.19
C VAL A 78 -5.54 25.44 -61.55
N ASP A 79 -6.22 26.52 -61.93
CA ASP A 79 -7.57 26.77 -61.45
C ASP A 79 -8.52 25.67 -61.93
N GLY A 80 -9.39 25.23 -61.03
CA GLY A 80 -10.44 24.29 -61.39
C GLY A 80 -10.06 22.82 -61.28
N TRP A 81 -8.84 22.51 -60.87
CA TRP A 81 -8.46 21.11 -60.69
C TRP A 81 -9.31 20.47 -59.60
N ASP A 82 -9.89 19.32 -59.93
CA ASP A 82 -10.85 18.62 -59.09
C ASP A 82 -10.42 17.18 -58.86
N GLN A 83 -9.12 16.95 -58.87
CA GLN A 83 -8.54 15.63 -58.75
C GLN A 83 -7.54 15.63 -57.60
N LEU A 85 -4.36 15.26 -55.59
CA LEU A 85 -2.99 15.35 -56.07
C LEU A 85 -1.99 15.17 -54.92
N THR A 86 -1.33 14.02 -54.89
CA THR A 86 -0.40 13.68 -53.80
C THR A 86 1.00 14.15 -54.18
N GLY A 87 1.24 15.44 -53.95
CA GLY A 87 2.57 16.00 -54.18
C GLY A 87 2.68 16.78 -55.46
N ILE A 88 2.63 18.10 -55.37
CA ILE A 88 2.89 18.94 -56.54
C ILE A 88 4.26 18.64 -57.11
N ILE A 89 5.24 18.45 -56.23
CA ILE A 89 6.53 17.86 -56.59
C ILE A 89 6.70 16.61 -55.74
N ARG A 90 7.03 15.49 -56.40
CA ARG A 90 7.12 14.22 -55.70
C ARG A 90 8.07 13.30 -56.44
N SER A 91 8.52 12.27 -55.74
CA SER A 91 9.28 11.19 -56.35
C SER A 91 8.31 10.06 -56.71
N ASN A 93 6.38 6.56 -56.74
CA ASN A 93 5.99 5.46 -55.87
C ASN A 93 6.60 4.18 -56.42
N GLY A 94 7.19 3.36 -55.54
CA GLY A 94 7.82 2.14 -55.96
C GLY A 94 9.24 2.29 -56.47
N GLU A 95 9.85 3.47 -56.29
CA GLU A 95 11.22 3.70 -56.72
C GLU A 95 11.99 4.33 -55.56
N THR A 97 14.11 6.64 -55.13
CA THR A 97 14.69 7.89 -55.61
C THR A 97 15.68 8.46 -54.60
N HIS A 98 16.77 9.06 -55.09
CA HIS A 98 17.83 9.48 -54.19
C HIS A 98 18.54 10.71 -54.73
N ASP A 99 19.16 11.45 -53.80
CA ASP A 99 20.00 12.61 -54.11
C ASP A 99 19.26 13.64 -54.95
N TYR A 100 18.10 14.07 -54.46
CA TYR A 100 17.31 15.10 -55.13
C TYR A 100 16.83 16.12 -54.10
N GLY A 101 16.32 17.24 -54.59
CA GLY A 101 15.86 18.27 -53.70
C GLY A 101 15.22 19.41 -54.46
N ILE A 102 14.70 20.35 -53.67
CA ILE A 102 14.06 21.57 -54.17
C ILE A 102 14.63 22.76 -53.42
N ARG A 103 14.84 23.86 -54.14
CA ARG A 103 15.41 25.08 -53.58
C ARG A 103 14.73 26.30 -54.15
N ASP A 104 14.55 27.31 -53.31
CA ASP A 104 14.28 28.69 -53.74
C ASP A 104 13.00 28.79 -54.57
N LEU A 105 11.90 28.23 -54.06
CA LEU A 105 10.65 28.30 -54.81
C LEU A 105 9.47 28.23 -53.85
N THR A 106 8.30 28.55 -54.40
CA THR A 106 7.02 28.48 -53.70
C THR A 106 6.12 27.49 -54.41
N LEU A 107 5.54 26.58 -53.63
CA LEU A 107 4.48 25.68 -54.09
C LEU A 107 3.17 26.21 -53.54
N ASP A 108 2.21 26.45 -54.43
CA ASP A 108 0.91 27.01 -54.07
C ASP A 108 -0.17 26.01 -54.47
N GLY A 109 -0.91 25.50 -53.49
CA GLY A 109 -1.89 24.48 -53.75
C GLY A 109 -3.20 24.97 -54.34
N ASN A 110 -3.40 26.29 -54.38
CA ASN A 110 -4.58 26.89 -55.00
C ASN A 110 -5.86 26.29 -54.43
N GLN A 111 -5.89 26.11 -53.11
CA GLN A 111 -7.03 25.46 -52.47
C GLN A 111 -8.32 26.25 -52.67
N ASP A 112 -8.21 27.56 -52.84
CA ASP A 112 -9.40 28.40 -53.02
C ASP A 112 -10.05 28.19 -54.39
N ASN A 113 -9.32 27.61 -55.35
CA ASN A 113 -9.82 27.45 -56.71
C ASN A 113 -9.78 26.00 -57.19
N THR A 114 -9.52 25.06 -56.29
CA THR A 114 -9.41 23.65 -56.63
C THR A 114 -10.13 22.83 -55.56
N GLU A 115 -10.58 21.64 -55.95
CA GLU A 115 -11.20 20.71 -55.02
C GLU A 115 -10.35 19.46 -54.91
N GLY A 116 -10.35 18.87 -53.72
CA GLY A 116 -9.64 17.63 -53.48
C GLY A 116 -8.44 17.82 -52.57
N GLU A 117 -7.97 16.70 -52.03
CA GLU A 117 -6.85 16.69 -51.10
C GLU A 117 -5.54 16.86 -51.87
N VAL A 118 -4.80 17.92 -51.57
CA VAL A 118 -3.55 18.23 -52.25
C VAL A 118 -2.43 18.32 -51.23
N ASP A 119 -1.29 17.70 -51.56
CA ASP A 119 -0.06 17.83 -50.79
C ASP A 119 1.00 18.50 -51.65
N GLY A 120 1.87 19.28 -51.00
CA GLY A 120 2.88 20.04 -51.71
C GLY A 120 4.09 19.26 -52.18
N PHE A 121 4.85 18.70 -51.23
CA PHE A 121 6.09 18.00 -51.52
C PHE A 121 6.02 16.62 -50.88
N TYR A 122 6.14 15.57 -51.69
CA TYR A 122 5.93 14.20 -51.24
C TYR A 122 7.12 13.33 -51.62
N THR A 123 7.60 12.53 -50.68
CA THR A 123 8.72 11.61 -50.89
C THR A 123 8.34 10.25 -50.32
N GLY A 124 9.15 9.24 -50.61
CA GLY A 124 8.99 7.91 -50.07
C GLY A 124 9.00 6.85 -51.14
N TYR A 125 8.95 5.59 -50.70
CA TYR A 125 9.01 4.48 -51.63
C TYR A 125 7.66 3.82 -51.86
N ILE A 126 7.12 3.18 -50.82
CA ILE A 126 5.81 2.52 -50.82
C ILE A 126 5.30 2.44 -49.38
N PRO A 127 4.06 2.84 -49.10
CA PRO A 127 3.51 2.63 -47.76
C PRO A 127 3.52 1.16 -47.35
N ARG A 128 3.88 0.93 -46.10
CA ARG A 128 3.87 -0.37 -45.43
C ARG A 128 4.85 -1.38 -46.02
N GLU A 129 5.72 -0.97 -46.93
CA GLU A 129 6.71 -1.89 -47.47
C GLU A 129 8.11 -1.32 -47.30
N ASP A 130 9.10 -2.19 -47.42
CA ASP A 130 10.49 -1.82 -47.22
C ASP A 130 11.11 -1.21 -48.47
N GLY A 131 12.08 -0.34 -48.24
CA GLY A 131 12.66 0.47 -49.29
C GLY A 131 12.44 1.92 -48.96
N ALA A 132 13.36 2.79 -49.37
CA ALA A 132 13.29 4.17 -48.95
C ALA A 132 13.95 5.07 -49.98
N ASP A 133 13.41 6.28 -50.12
CA ASP A 133 14.18 7.39 -50.67
C ASP A 133 15.30 7.74 -49.72
N TYR A 134 16.38 8.30 -50.26
CA TYR A 134 17.49 8.70 -49.41
C TYR A 134 18.17 9.93 -49.99
N ASN A 135 18.76 10.73 -49.11
CA ASN A 135 19.47 11.96 -49.46
C ASN A 135 18.54 12.94 -50.21
N VAL A 136 17.54 13.41 -49.47
CA VAL A 136 16.53 14.33 -50.00
C VAL A 136 16.70 15.67 -49.31
N THR A 137 16.60 16.75 -50.08
CA THR A 137 16.88 18.08 -49.55
C THR A 137 15.84 19.08 -50.01
N ALA A 138 15.33 19.87 -49.06
CA ALA A 138 14.50 21.03 -49.37
C ALA A 138 15.06 22.23 -48.63
N GLU A 139 15.45 23.27 -49.38
CA GLU A 139 16.06 24.46 -48.79
C GLU A 139 15.37 25.71 -49.30
N ARG A 140 15.01 26.60 -48.38
CA ARG A 140 14.44 27.90 -48.73
C ARG A 140 13.23 27.73 -49.64
N VAL A 141 12.30 26.87 -49.22
CA VAL A 141 11.12 26.56 -49.99
C VAL A 141 9.90 26.95 -49.19
N GLU A 142 8.96 27.65 -49.82
CA GLU A 142 7.69 28.01 -49.21
C GLU A 142 6.61 27.12 -49.81
N ILE A 143 5.79 26.51 -48.95
CA ILE A 143 4.63 25.74 -49.39
C ILE A 143 3.41 26.32 -48.71
N ARG A 144 2.41 26.70 -49.52
CA ARG A 144 1.26 27.43 -49.02
C ARG A 144 0.01 27.01 -49.77
N GLU A 145 -1.13 27.15 -49.09
CA GLU A 145 -2.46 27.04 -49.67
C GLU A 145 -2.75 25.66 -50.26
N VAL A 146 -2.05 24.62 -49.79
CA VAL A 146 -2.40 23.25 -50.15
C VAL A 146 -3.49 22.77 -49.21
N SER A 147 -4.31 21.84 -49.69
CA SER A 147 -5.51 21.47 -48.94
C SER A 147 -5.25 20.50 -47.79
N ARG A 148 -4.21 19.66 -47.88
CA ARG A 148 -3.93 18.75 -46.77
C ARG A 148 -2.56 18.98 -46.14
N TYR A 149 -1.46 18.76 -46.85
CA TYR A 149 -0.14 18.72 -46.23
C TYR A 149 0.85 19.52 -47.04
N GLY A 150 1.52 20.47 -46.39
CA GLY A 150 2.50 21.27 -47.09
C GLY A 150 3.76 20.49 -47.44
N PHE A 151 4.57 20.17 -46.43
CA PHE A 151 5.71 19.28 -46.59
C PHE A 151 5.30 17.92 -46.05
N ASP A 152 5.24 16.91 -46.91
CA ASP A 152 4.80 15.56 -46.54
C ASP A 152 5.80 14.53 -47.01
N PRO A 153 7.04 14.55 -46.50
CA PRO A 153 7.92 13.40 -46.72
C PRO A 153 7.32 12.18 -46.07
N HIS A 154 7.43 11.04 -46.76
CA HIS A 154 6.65 9.88 -46.35
C HIS A 154 7.48 8.61 -46.32
N GLU A 155 6.82 7.46 -46.20
CA GLU A 155 7.47 6.20 -45.86
C GLU A 155 8.07 5.55 -47.11
N GLN A 156 9.37 5.27 -47.06
CA GLN A 156 10.34 5.70 -46.05
C GLN A 156 11.27 6.73 -46.68
N THR A 157 11.86 7.59 -45.86
CA THR A 157 12.86 8.53 -46.35
C THR A 157 14.03 8.58 -45.36
N ILE A 158 15.24 8.47 -45.88
CA ILE A 158 16.46 8.47 -45.09
C ILE A 158 17.28 9.69 -45.44
N ASN A 159 17.84 10.33 -44.41
CA ASN A 159 18.71 11.51 -44.57
C ASN A 159 18.00 12.63 -45.33
N LEU A 160 16.75 12.90 -44.93
CA LEU A 160 16.05 14.08 -45.41
C LEU A 160 16.48 15.29 -44.59
N THR A 161 16.69 16.42 -45.29
CA THR A 161 16.98 17.69 -44.63
C THR A 161 16.07 18.75 -45.22
N ILE A 162 15.24 19.34 -44.38
CA ILE A 162 14.46 20.52 -44.74
C ILE A 162 14.96 21.67 -43.88
N ARG A 163 15.44 22.73 -44.53
CA ARG A 163 16.03 23.86 -43.82
C ARG A 163 15.56 25.17 -44.43
N ASP A 164 15.41 26.18 -43.57
CA ASP A 164 15.12 27.55 -43.99
C ASP A 164 13.82 27.64 -44.79
N SER A 165 12.87 26.78 -44.49
CA SER A 165 11.65 26.65 -45.26
C SER A 165 10.45 27.13 -44.47
N VAL A 166 9.39 27.48 -45.19
CA VAL A 166 8.17 28.02 -44.63
C VAL A 166 6.98 27.22 -45.16
N ALA A 167 6.07 26.83 -44.27
CA ALA A 167 4.80 26.25 -44.65
C ALA A 167 3.69 27.01 -43.93
N HIS A 168 2.74 27.55 -44.69
CA HIS A 168 1.70 28.36 -44.07
C HIS A 168 0.40 28.26 -44.84
N ASN A 169 -0.71 28.49 -44.12
CA ASN A 169 -2.05 28.54 -44.68
C ASN A 169 -2.38 27.27 -45.46
N ASN A 170 -1.95 26.12 -44.95
CA ASN A 170 -2.28 24.81 -45.50
C ASN A 170 -3.42 24.17 -44.73
N GLY A 171 -4.02 23.15 -45.36
CA GLY A 171 -5.26 22.60 -44.84
C GLY A 171 -5.13 21.90 -43.49
N LYS A 172 -4.17 20.97 -43.38
CA LYS A 172 -3.92 20.24 -42.15
C LYS A 172 -2.58 20.59 -41.51
N ASP A 173 -1.45 20.17 -42.09
CA ASP A 173 -0.15 20.36 -41.43
C ASP A 173 0.86 21.02 -42.35
N GLY A 174 1.62 21.98 -41.82
CA GLY A 174 2.69 22.58 -42.61
C GLY A 174 3.81 21.59 -42.91
N PHE A 175 4.28 20.88 -41.89
CA PHE A 175 5.30 19.85 -42.04
C PHE A 175 4.80 18.57 -41.39
N VAL A 176 4.90 17.46 -42.13
CA VAL A 176 4.59 16.14 -41.57
C VAL A 176 5.65 15.15 -42.05
N GLY A 177 6.44 14.64 -41.11
CA GLY A 177 7.42 13.62 -41.40
C GLY A 177 6.90 12.24 -41.07
N ASP A 178 6.69 11.44 -42.11
CA ASP A 178 6.14 10.09 -42.01
C ASP A 178 7.26 9.11 -42.27
N PHE A 179 7.64 8.36 -41.23
CA PHE A 179 8.71 7.36 -41.31
C PHE A 179 10.00 7.96 -41.87
N GLN A 180 10.38 9.11 -41.34
CA GLN A 180 11.68 9.70 -41.66
C GLN A 180 12.76 9.07 -40.79
N ILE A 181 13.92 8.81 -41.39
CA ILE A 181 15.03 8.16 -40.71
C ILE A 181 16.27 9.00 -40.90
N ASP A 182 16.99 9.26 -39.80
CA ASP A 182 18.24 10.02 -39.83
C ASP A 182 18.05 11.36 -40.53
N SER A 183 17.02 12.09 -40.12
CA SER A 183 16.56 13.27 -40.82
C SER A 183 16.63 14.50 -39.93
N THR A 184 16.67 15.66 -40.58
CA THR A 184 16.85 16.94 -39.92
C THR A 184 15.83 17.94 -40.45
N PHE A 185 15.15 18.63 -39.54
CA PHE A 185 14.36 19.82 -39.83
C PHE A 185 14.95 20.96 -39.03
N GLU A 186 15.48 21.97 -39.72
CA GLU A 186 16.19 23.03 -39.02
C GLU A 186 15.80 24.39 -39.60
N ASN A 187 15.59 25.35 -38.69
CA ASN A 187 15.36 26.75 -39.07
C ASN A 187 14.15 26.93 -39.96
N ASN A 188 13.09 26.19 -39.67
CA ASN A 188 11.85 26.28 -40.44
C ASN A 188 10.78 27.04 -39.65
N VAL A 189 9.81 27.57 -40.38
CA VAL A 189 8.65 28.25 -39.82
C VAL A 189 7.40 27.61 -40.38
N SER A 190 6.49 27.19 -39.50
CA SER A 190 5.22 26.59 -39.89
C SER A 190 4.12 27.31 -39.14
N HIS A 191 3.30 28.09 -39.85
CA HIS A 191 2.34 28.95 -39.19
C HIS A 191 1.03 29.02 -39.96
N ASP A 192 -0.05 29.31 -39.22
CA ASP A 192 -1.38 29.50 -39.79
C ASP A 192 -1.86 28.26 -40.56
N ASN A 193 -1.45 27.07 -40.12
CA ASN A 193 -1.91 25.84 -40.73
C ASN A 193 -3.16 25.33 -40.03
N GLY A 194 -3.90 24.46 -40.73
CA GLY A 194 -5.19 24.01 -40.22
C GLY A 194 -5.07 23.19 -38.95
N ARG A 195 -4.14 22.23 -38.92
CA ARG A 195 -4.00 21.38 -37.75
C ARG A 195 -2.65 21.57 -37.06
N HIS A 196 -1.53 21.20 -37.69
CA HIS A 196 -0.26 21.16 -36.99
C HIS A 196 0.79 21.98 -37.71
N GLY A 197 1.66 22.61 -36.93
CA GLY A 197 2.86 23.20 -37.49
C GLY A 197 3.82 22.11 -37.92
N PHE A 198 4.19 21.24 -36.99
CA PHE A 198 5.08 20.12 -37.26
C PHE A 198 4.49 18.85 -36.68
N ASN A 199 4.56 17.77 -37.46
CA ASN A 199 4.02 16.48 -37.06
C ASN A 199 5.02 15.40 -37.42
N ILE A 200 5.57 14.73 -36.42
CA ILE A 200 6.51 13.62 -36.63
C ILE A 200 5.76 12.36 -36.23
N VAL A 201 5.59 11.44 -37.19
CA VAL A 201 4.63 10.35 -37.04
C VAL A 201 5.15 9.12 -37.79
N THR A 202 4.48 7.99 -37.57
CA THR A 202 4.66 6.76 -38.34
C THR A 202 6.09 6.23 -38.24
N SER A 203 6.50 5.90 -37.02
CA SER A 203 7.74 5.17 -36.74
C SER A 203 9.00 5.94 -37.10
N SER A 204 8.91 7.27 -37.26
CA SER A 204 10.10 8.07 -37.54
C SER A 204 11.09 7.96 -36.40
N HIS A 205 12.37 7.82 -36.75
CA HIS A 205 13.38 7.70 -35.69
C HIS A 205 14.67 8.38 -36.10
N ASP A 206 15.44 8.78 -35.08
CA ASP A 206 16.68 9.53 -35.25
C ASP A 206 16.45 10.83 -36.01
N ILE A 207 15.56 11.65 -35.45
CA ILE A 207 15.13 12.90 -36.05
C ILE A 207 15.64 14.05 -35.21
N LEU A 208 16.24 15.04 -35.88
CA LEU A 208 16.66 16.29 -35.25
C LEU A 208 15.70 17.39 -35.68
N LEU A 209 15.17 18.12 -34.71
CA LEU A 209 14.30 19.28 -34.95
C LEU A 209 14.96 20.46 -34.26
N ARG A 210 15.72 21.25 -35.02
CA ARG A 210 16.57 22.29 -34.46
C ARG A 210 16.06 23.66 -34.88
N ASP A 211 15.74 24.50 -33.89
CA ASP A 211 15.46 25.92 -34.11
C ASP A 211 14.26 26.14 -35.02
N ASN A 212 13.24 25.30 -34.90
CA ASN A 212 12.02 25.47 -35.67
C ASN A 212 11.00 26.33 -34.91
N VAL A 213 10.14 27.00 -35.65
CA VAL A 213 9.15 27.92 -35.08
C VAL A 213 7.77 27.55 -35.61
N ALA A 214 6.80 27.41 -34.71
CA ALA A 214 5.43 27.10 -35.10
C ALA A 214 4.48 27.98 -34.30
N TYR A 215 3.59 28.69 -35.02
CA TYR A 215 2.62 29.55 -34.36
C TYR A 215 1.36 29.66 -35.20
N GLY A 216 0.24 29.95 -34.54
CA GLY A 216 -0.99 30.20 -35.26
C GLY A 216 -1.67 28.99 -35.84
N ASN A 217 -1.17 27.79 -35.56
CA ASN A 217 -1.78 26.57 -36.08
C ASN A 217 -3.01 26.20 -35.26
N GLY A 218 -3.96 25.55 -35.92
CA GLY A 218 -5.21 25.18 -35.26
C GLY A 218 -5.07 24.15 -34.17
N ALA A 219 -3.95 23.43 -34.15
CA ALA A 219 -3.66 22.41 -33.14
C ALA A 219 -2.18 22.56 -32.81
N ASN A 220 -1.59 21.52 -32.24
CA ASN A 220 -0.23 21.56 -31.72
C ASN A 220 0.74 22.25 -32.69
N GLY A 221 1.63 23.06 -32.13
CA GLY A 221 2.73 23.58 -32.91
C GLY A 221 3.69 22.49 -33.34
N LEU A 222 4.02 21.59 -32.42
CA LEU A 222 4.78 20.39 -32.74
C LEU A 222 4.15 19.20 -32.02
N VAL A 223 3.94 18.11 -32.75
CA VAL A 223 3.48 16.86 -32.16
C VAL A 223 4.42 15.75 -32.62
N VAL A 224 4.86 14.93 -31.67
CA VAL A 224 5.59 13.69 -31.95
C VAL A 224 4.71 12.56 -31.44
N GLN A 225 4.32 11.66 -32.33
CA GLN A 225 3.26 10.70 -32.01
C GLN A 225 3.44 9.42 -32.81
N ARG A 226 2.89 8.34 -32.26
CA ARG A 226 2.92 7.06 -32.95
C ARG A 226 2.09 7.10 -34.23
N GLY A 227 0.94 7.74 -34.19
CA GLY A 227 -0.01 7.75 -35.29
C GLY A 227 -1.23 6.90 -34.99
N SER A 228 -2.07 6.77 -36.01
CA SER A 228 -3.33 6.06 -35.91
C SER A 228 -3.22 4.58 -36.28
N GLU A 229 -2.03 4.10 -36.59
CA GLU A 229 -1.82 2.72 -36.99
C GLU A 229 -1.13 1.93 -35.90
N ASP A 230 -1.39 0.62 -35.88
CA ASP A 230 -0.76 -0.31 -34.94
C ASP A 230 0.62 -0.65 -35.49
N ILE A 231 1.55 0.28 -35.29
CA ILE A 231 2.90 0.15 -35.81
C ILE A 231 3.91 0.53 -34.73
N ALA A 232 5.19 0.35 -35.05
CA ALA A 232 6.27 0.68 -34.13
C ALA A 232 6.26 2.16 -33.81
N HIS A 233 6.59 2.48 -32.56
CA HIS A 233 6.61 3.85 -32.06
C HIS A 233 7.84 4.60 -32.58
N PRO A 234 7.74 5.92 -32.68
CA PRO A 234 8.94 6.73 -32.96
C PRO A 234 9.92 6.68 -31.80
N TYR A 235 11.20 6.88 -32.12
CA TYR A 235 12.21 6.93 -31.07
C TYR A 235 13.36 7.82 -31.51
N ASN A 236 14.11 8.29 -30.52
CA ASN A 236 15.29 9.15 -30.73
C ASN A 236 14.92 10.44 -31.46
N ILE A 237 14.02 11.20 -30.84
CA ILE A 237 13.55 12.48 -31.39
C ILE A 237 14.13 13.59 -30.53
N GLN A 238 15.05 14.38 -31.10
CA GLN A 238 15.75 15.44 -30.38
C GLN A 238 15.28 16.79 -30.88
N ILE A 239 14.60 17.54 -30.02
CA ILE A 239 14.14 18.89 -30.32
C ILE A 239 15.03 19.86 -29.55
N GLU A 240 15.71 20.74 -30.29
CA GLU A 240 16.63 21.72 -29.69
C GLU A 240 16.25 23.11 -30.19
N GLY A 241 16.05 24.02 -29.24
CA GLY A 241 15.80 25.40 -29.59
C GLY A 241 14.44 25.61 -30.23
N GLY A 242 14.29 26.81 -30.78
CA GLY A 242 13.06 27.16 -31.47
C GLY A 242 11.99 27.66 -30.53
N ALA A 243 10.82 27.88 -31.11
CA ALA A 243 9.66 28.41 -30.40
C ALA A 243 8.40 27.76 -30.90
N TYR A 244 7.52 27.39 -29.98
CA TYR A 244 6.23 26.77 -30.31
C TYR A 244 5.18 27.53 -29.50
N HIS A 245 4.51 28.49 -30.14
CA HIS A 245 3.72 29.47 -29.40
C HIS A 245 2.43 29.78 -30.14
N ASP A 246 1.42 30.19 -29.37
CA ASP A 246 0.16 30.72 -29.91
C ASP A 246 -0.51 29.73 -30.87
N ASN A 247 -0.54 28.47 -30.48
CA ASN A 247 -1.24 27.44 -31.25
C ASN A 247 -2.58 27.13 -30.59
N GLY A 248 -3.44 26.45 -31.35
CA GLY A 248 -4.75 26.11 -30.86
C GLY A 248 -4.81 24.92 -29.92
N ALA A 249 -3.67 24.28 -29.69
CA ALA A 249 -3.59 23.11 -28.82
C ALA A 249 -2.29 23.25 -28.04
N GLU A 250 -1.81 22.13 -27.49
CA GLU A 250 -0.53 22.15 -26.77
C GLU A 250 0.58 22.69 -27.67
N GLY A 251 1.54 23.37 -27.05
CA GLY A 251 2.70 23.83 -27.80
C GLY A 251 3.53 22.66 -28.32
N VAL A 252 3.88 21.74 -27.45
CA VAL A 252 4.59 20.52 -27.82
C VAL A 252 3.88 19.34 -27.18
N LEU A 253 3.45 18.39 -28.01
CA LEU A 253 2.80 17.16 -27.57
C LEU A 253 3.64 15.97 -27.99
N ILE A 254 4.00 15.14 -27.02
CA ILE A 254 4.76 13.92 -27.31
C ILE A 254 4.03 12.73 -26.71
N MET A 256 3.43 8.34 -26.97
CA MET A 256 3.85 7.02 -27.43
C MET A 256 5.15 7.10 -28.21
N THR A 257 6.19 7.64 -27.57
CA THR A 257 7.50 7.82 -28.17
C THR A 257 8.55 7.39 -27.16
N SER A 258 9.69 6.93 -27.67
CA SER A 258 10.79 6.49 -26.84
CA SER A 258 10.79 6.49 -26.84
C SER A 258 12.01 7.37 -27.06
N ASN A 259 12.69 7.74 -25.98
CA ASN A 259 13.91 8.54 -26.03
C ASN A 259 13.69 9.86 -26.77
N ALA A 260 12.76 10.65 -26.26
CA ALA A 260 12.48 11.98 -26.79
C ALA A 260 13.06 13.03 -25.86
N SER A 261 13.61 14.10 -26.44
CA SER A 261 14.15 15.20 -25.67
C SER A 261 13.68 16.52 -26.25
N LEU A 262 13.37 17.47 -25.37
CA LEU A 262 12.98 18.82 -25.73
C LEU A 262 13.81 19.77 -24.87
N GLN A 263 14.67 20.55 -25.52
CA GLN A 263 15.65 21.36 -24.81
C GLN A 263 15.78 22.73 -25.47
N GLY A 264 15.82 23.77 -24.64
CA GLY A 264 16.13 25.11 -25.11
C GLY A 264 15.04 25.81 -25.88
N ALA A 265 13.80 25.34 -25.78
CA ALA A 265 12.70 25.90 -26.56
C ALA A 265 11.94 26.96 -25.77
N GLU A 266 11.25 27.82 -26.51
CA GLU A 266 10.36 28.84 -25.97
C GLU A 266 8.93 28.47 -26.31
N ILE A 267 8.11 28.20 -25.29
CA ILE A 267 6.77 27.66 -25.48
C ILE A 267 5.80 28.51 -24.66
N TYR A 268 4.94 29.27 -25.35
CA TYR A 268 4.08 30.23 -24.66
C TYR A 268 2.83 30.51 -25.48
N GLY A 269 1.79 30.97 -24.80
CA GLY A 269 0.60 31.49 -25.47
C GLY A 269 -0.32 30.45 -26.06
N ASN A 270 -0.08 29.17 -25.85
CA ASN A 270 -0.88 28.12 -26.46
C ASN A 270 -2.22 27.96 -25.72
N ASP A 271 -3.18 27.34 -26.42
CA ASP A 271 -4.50 27.14 -25.86
C ASP A 271 -4.52 26.02 -24.82
N ALA A 272 -3.71 24.99 -25.01
CA ALA A 272 -3.58 23.90 -24.07
C ALA A 272 -2.24 24.02 -23.33
N ALA A 273 -1.89 22.97 -22.58
CA ALA A 273 -0.64 22.97 -21.83
C ALA A 273 0.54 23.24 -22.76
N GLY A 274 1.57 23.88 -22.20
CA GLY A 274 2.76 24.18 -22.99
C GLY A 274 3.46 22.93 -23.48
N VAL A 275 3.65 21.96 -22.58
CA VAL A 275 4.24 20.67 -22.92
C VAL A 275 3.35 19.58 -22.35
N ARG A 276 2.97 18.63 -23.21
CA ARG A 276 2.18 17.48 -22.78
C ARG A 276 2.89 16.21 -23.23
N VAL A 277 3.16 15.32 -22.28
CA VAL A 277 3.88 14.08 -22.50
C VAL A 277 2.97 12.94 -22.05
N ARG A 278 2.63 12.04 -22.98
CA ARG A 278 1.67 10.97 -22.73
C ARG A 278 2.27 9.63 -23.10
N GLY A 279 2.61 8.83 -22.10
CA GLY A 279 3.11 7.48 -22.35
C GLY A 279 4.40 7.46 -23.13
N VAL A 280 5.42 8.17 -22.64
CA VAL A 280 6.71 8.29 -23.30
C VAL A 280 7.74 7.58 -22.44
N ASP A 281 8.46 6.62 -23.02
CA ASP A 281 9.49 5.87 -22.32
C ASP A 281 10.82 6.55 -22.61
N GLY A 282 11.22 7.44 -21.72
CA GLY A 282 12.43 8.21 -21.90
C GLY A 282 12.13 9.60 -22.41
N MET A 283 12.12 10.59 -21.52
CA MET A 283 11.78 11.95 -21.87
C MET A 283 12.69 12.92 -21.12
N GLN A 284 13.44 13.72 -21.87
CA GLN A 284 14.24 14.79 -21.31
C GLN A 284 13.54 16.11 -21.59
N LEU A 285 13.32 16.90 -20.54
CA LEU A 285 12.70 18.22 -20.64
C LEU A 285 13.67 19.20 -19.97
N LEU A 286 14.51 19.85 -20.78
CA LEU A 286 15.66 20.56 -20.26
C LEU A 286 15.66 22.01 -20.71
N ASP A 287 15.79 22.93 -19.75
CA ASP A 287 16.16 24.33 -20.01
C ASP A 287 15.20 25.01 -20.98
N ASN A 288 13.91 24.76 -20.81
CA ASN A 288 12.88 25.40 -21.63
C ASN A 288 12.30 26.61 -20.93
N ASP A 289 11.64 27.48 -21.70
CA ASP A 289 10.96 28.66 -21.19
C ASP A 289 9.49 28.47 -21.51
N ILE A 290 8.70 28.12 -20.49
CA ILE A 290 7.31 27.74 -20.67
C ILE A 290 6.49 28.69 -19.80
N HIS A 291 5.55 29.40 -20.41
CA HIS A 291 4.73 30.36 -19.68
C HIS A 291 3.47 30.69 -20.47
N ASP A 292 2.45 31.15 -19.75
CA ASP A 292 1.25 31.74 -20.34
C ASP A 292 0.56 30.79 -21.32
N ASN A 293 0.55 29.50 -20.99
CA ASN A 293 -0.16 28.51 -21.78
C ASN A 293 -1.55 28.28 -21.17
N ALA A 294 -2.25 27.26 -21.66
CA ALA A 294 -3.62 26.96 -21.23
C ALA A 294 -4.52 28.18 -21.40
N GLN A 295 -4.36 28.87 -22.53
CA GLN A 295 -5.10 30.10 -22.76
C GLN A 295 -6.57 29.86 -23.08
N GLY A 296 -6.92 28.67 -23.56
CA GLY A 296 -8.30 28.27 -23.76
C GLY A 296 -8.88 27.45 -22.64
N GLY A 297 -8.21 27.37 -21.50
CA GLY A 297 -8.62 26.52 -20.41
C GLY A 297 -7.53 25.53 -20.04
N GLY A 298 -7.64 24.93 -18.86
CA GLY A 298 -6.62 24.03 -18.35
C GLY A 298 -5.94 24.60 -17.12
N LYS A 299 -5.33 23.70 -16.36
CA LYS A 299 -4.74 24.04 -15.07
C LYS A 299 -3.22 23.88 -15.02
N ALA A 300 -2.59 23.43 -16.10
CA ALA A 300 -1.18 23.07 -16.06
C ALA A 300 -0.42 23.65 -17.25
N GLU A 301 0.83 24.03 -17.00
CA GLU A 301 1.77 24.39 -18.05
C GLU A 301 2.51 23.18 -18.60
N ILE A 302 2.82 22.20 -17.75
CA ILE A 302 3.45 20.95 -18.16
C ILE A 302 2.64 19.80 -17.60
N VAL A 303 2.34 18.81 -18.46
CA VAL A 303 1.61 17.61 -18.06
C VAL A 303 2.46 16.40 -18.42
N LEU A 304 2.73 15.55 -17.43
CA LEU A 304 3.29 14.22 -17.65
C LEU A 304 2.24 13.19 -17.25
N GLU A 305 1.96 12.25 -18.15
CA GLU A 305 0.88 11.29 -17.92
C GLU A 305 1.11 10.06 -18.78
N ASP A 306 0.33 9.02 -18.50
CA ASP A 306 0.34 7.81 -19.29
C ASP A 306 -0.64 7.93 -20.45
N TYR A 307 -0.60 6.95 -21.34
CA TYR A 307 -1.59 6.83 -22.43
C TYR A 307 -2.19 5.43 -22.42
N ASP A 308 -3.50 5.36 -22.17
CA ASP A 308 -4.21 4.08 -22.11
C ASP A 308 -4.86 3.83 -23.48
N ASP A 309 -4.14 3.12 -24.35
CA ASP A 309 -4.65 2.69 -25.64
C ASP A 309 -5.10 1.22 -25.60
N ARG A 310 -5.63 0.78 -24.45
CA ARG A 310 -6.09 -0.60 -24.37
C ARG A 310 -7.38 -0.82 -25.16
N ASP A 311 -8.20 0.21 -25.31
CA ASP A 311 -9.38 0.16 -26.15
C ASP A 311 -9.13 0.75 -27.54
N GLY A 312 -7.88 1.04 -27.88
CA GLY A 312 -7.53 1.67 -29.13
C GLY A 312 -6.98 0.68 -30.14
N VAL A 313 -6.21 1.21 -31.10
CA VAL A 313 -5.71 0.39 -32.19
C VAL A 313 -4.62 -0.58 -31.73
N SER A 314 -3.90 -0.25 -30.66
CA SER A 314 -2.83 -1.12 -30.18
C SER A 314 -3.28 -2.03 -29.05
N GLY A 315 -4.27 -1.64 -28.27
CA GLY A 315 -4.69 -2.45 -27.15
C GLY A 315 -3.73 -2.48 -25.99
N ASN A 316 -2.87 -1.47 -25.87
CA ASN A 316 -1.78 -1.47 -24.90
C ASN A 316 -1.92 -0.28 -23.95
N TYR A 317 -1.34 -0.43 -22.77
CA TYR A 317 -1.22 0.68 -21.81
C TYR A 317 0.24 1.10 -21.77
N TYR A 318 0.48 2.39 -22.00
CA TYR A 318 1.84 2.92 -22.09
C TYR A 318 2.08 3.88 -20.94
N GLU A 319 3.07 3.57 -20.11
CA GLU A 319 3.43 4.42 -18.98
C GLU A 319 4.56 5.37 -19.40
N THR A 320 4.46 6.62 -18.95
CA THR A 320 5.58 7.54 -19.08
C THR A 320 6.70 7.10 -18.14
N LEU A 321 7.89 6.89 -18.70
CA LEU A 321 9.00 6.31 -17.95
C LEU A 321 10.27 7.10 -18.23
N ASN A 322 11.20 7.03 -17.27
CA ASN A 322 12.57 7.54 -17.43
C ASN A 322 12.58 9.02 -17.82
N ALA A 323 12.05 9.84 -16.92
CA ALA A 323 11.91 11.27 -17.16
C ALA A 323 13.00 12.04 -16.44
N THR A 324 13.61 13.00 -17.14
CA THR A 324 14.56 13.95 -16.56
C THR A 324 14.07 15.35 -16.91
N VAL A 325 13.49 16.04 -15.92
CA VAL A 325 12.90 17.36 -16.12
C VAL A 325 13.71 18.33 -15.28
N GLN A 326 14.57 19.12 -15.93
CA GLN A 326 15.52 19.96 -15.20
C GLN A 326 15.77 21.26 -15.94
N GLY A 327 15.92 22.35 -15.17
CA GLY A 327 16.37 23.62 -15.69
C GLY A 327 15.32 24.50 -16.32
N ASN A 328 14.07 24.05 -16.35
CA ASN A 328 13.03 24.80 -17.04
C ASN A 328 12.54 25.99 -16.22
N ARG A 329 12.18 27.05 -16.91
CA ARG A 329 11.41 28.15 -16.33
C ARG A 329 9.95 27.92 -16.71
N VAL A 330 9.12 27.63 -15.71
CA VAL A 330 7.72 27.30 -15.91
C VAL A 330 6.91 28.26 -15.07
N ALA A 331 6.13 29.12 -15.72
CA ALA A 331 5.30 30.10 -15.04
C ALA A 331 3.90 29.55 -14.80
N GLY A 332 3.85 28.42 -14.11
CA GLY A 332 2.58 27.80 -13.79
C GLY A 332 2.79 26.40 -13.24
N ALA A 333 1.67 25.70 -13.05
CA ALA A 333 1.70 24.38 -12.42
C ALA A 333 2.28 23.35 -13.39
N ALA A 334 3.16 22.50 -12.86
CA ALA A 334 3.73 21.39 -13.62
C ALA A 334 3.32 20.07 -12.95
N GLN A 335 2.74 19.18 -13.73
CA GLN A 335 2.36 17.85 -13.25
C GLN A 335 3.46 16.89 -13.70
N LEU A 336 4.33 16.51 -12.77
CA LEU A 336 5.50 15.69 -13.07
C LEU A 336 5.30 14.32 -12.44
N LEU A 337 4.73 13.40 -13.21
CA LEU A 337 4.44 12.05 -12.77
C LEU A 337 5.21 11.06 -13.63
N SER A 338 5.81 10.06 -12.99
CA SER A 338 6.55 9.02 -13.69
C SER A 338 6.33 7.70 -12.96
N SER A 339 7.14 6.70 -13.29
CA SER A 339 6.92 5.33 -12.83
C SER A 339 8.27 4.65 -12.66
N GLU A 340 8.28 3.32 -12.65
CA GLU A 340 9.47 2.53 -12.38
C GLU A 340 10.70 3.07 -13.10
N GLY A 341 11.83 3.00 -12.41
CA GLY A 341 13.06 3.62 -12.86
C GLY A 341 13.37 4.88 -12.06
N ARG A 342 14.61 5.34 -12.23
CA ARG A 342 15.08 6.54 -11.54
C ARG A 342 14.68 7.77 -12.36
N ASP A 343 13.94 8.67 -11.74
CA ASP A 343 13.46 9.88 -12.40
C ASP A 343 13.96 11.10 -11.66
N LEU A 344 14.40 12.11 -12.41
CA LEU A 344 14.79 13.41 -11.87
C LEU A 344 13.73 14.42 -12.28
N LEU A 345 12.97 14.91 -11.30
CA LEU A 345 11.84 15.79 -11.55
C LEU A 345 12.05 17.08 -10.78
N ASP A 346 12.17 18.20 -11.50
CA ASP A 346 12.35 19.52 -10.91
C ASP A 346 11.17 20.40 -11.30
N GLY A 347 10.51 20.97 -10.30
CA GLY A 347 9.46 21.95 -10.53
C GLY A 347 10.02 23.34 -10.76
N ALA A 348 9.09 24.29 -10.84
CA ALA A 348 9.43 25.68 -11.12
C ALA A 348 8.54 26.58 -10.26
N ALA A 349 8.44 27.85 -10.64
CA ALA A 349 7.78 28.85 -9.80
C ALA A 349 6.32 28.54 -9.53
N GLY A 350 5.68 27.68 -10.32
CA GLY A 350 4.29 27.36 -10.11
C GLY A 350 4.08 26.37 -8.97
N ASN A 351 2.79 26.08 -8.72
CA ASN A 351 2.40 25.11 -7.69
C ASN A 351 2.35 23.74 -8.34
N ASP A 352 3.40 22.95 -8.13
CA ASP A 352 3.62 21.73 -8.88
C ASP A 352 3.24 20.49 -8.07
N LEU A 353 2.95 19.41 -8.79
CA LEU A 353 2.77 18.08 -8.22
C LEU A 353 3.90 17.20 -8.70
N LEU A 354 4.57 16.52 -7.77
CA LEU A 354 5.68 15.65 -8.11
C LEU A 354 5.46 14.27 -7.51
N ASP A 355 5.62 13.25 -8.35
CA ASP A 355 5.54 11.86 -7.91
C ASP A 355 6.39 11.04 -8.87
N GLY A 356 7.56 10.59 -8.40
CA GLY A 356 8.44 9.81 -9.26
C GLY A 356 8.05 8.37 -9.44
N GLY A 357 7.06 7.88 -8.69
CA GLY A 357 6.64 6.50 -8.80
C GLY A 357 7.67 5.55 -8.20
N ALA A 358 7.69 4.33 -8.72
CA ALA A 358 8.64 3.34 -8.26
C ALA A 358 10.06 3.73 -8.64
N GLY A 359 11.02 3.14 -7.94
CA GLY A 359 12.41 3.46 -8.13
C GLY A 359 12.87 4.62 -7.25
N ARG A 360 14.17 4.88 -7.31
CA ARG A 360 14.80 5.94 -6.51
C ARG A 360 14.77 7.23 -7.33
N ASP A 361 14.01 8.22 -6.87
CA ASP A 361 13.78 9.45 -7.60
C ASP A 361 14.36 10.64 -6.84
N THR A 362 14.73 11.68 -7.59
CA THR A 362 15.21 12.93 -7.04
C THR A 362 14.22 14.03 -7.40
N LEU A 363 13.52 14.57 -6.41
CA LEU A 363 12.45 15.54 -6.62
C LEU A 363 12.84 16.90 -6.05
N SER A 364 12.47 17.96 -6.76
CA SER A 364 12.60 19.31 -6.26
C SER A 364 11.42 20.13 -6.74
N GLY A 365 10.87 20.95 -5.86
CA GLY A 365 9.66 21.69 -6.17
C GLY A 365 9.89 23.08 -6.72
N GLY A 366 11.04 23.68 -6.40
CA GLY A 366 11.24 25.07 -6.81
C GLY A 366 10.35 26.01 -6.03
N GLY A 367 10.03 27.14 -6.65
CA GLY A 367 9.16 28.11 -6.04
C GLY A 367 7.72 27.63 -5.94
N GLY A 368 6.94 28.37 -5.15
CA GLY A 368 5.54 28.04 -4.96
C GLY A 368 5.34 26.93 -3.94
N ALA A 369 4.07 26.56 -3.77
CA ALA A 369 3.67 25.49 -2.87
C ALA A 369 3.52 24.21 -3.68
N ASP A 370 4.42 23.25 -3.44
CA ASP A 370 4.50 22.04 -4.24
C ASP A 370 4.10 20.83 -3.41
N THR A 371 3.37 19.91 -4.03
CA THR A 371 2.98 18.65 -3.41
C THR A 371 3.91 17.55 -3.89
N PHE A 372 4.54 16.84 -2.94
CA PHE A 372 5.34 15.67 -3.24
C PHE A 372 4.56 14.45 -2.78
N ARG A 373 4.03 13.70 -3.74
CA ARG A 373 3.14 12.59 -3.46
C ARG A 373 3.89 11.27 -3.51
N PHE A 374 3.65 10.42 -2.50
CA PHE A 374 4.20 9.07 -2.45
C PHE A 374 3.02 8.12 -2.34
N ALA A 375 2.73 7.39 -3.42
CA ALA A 375 1.48 6.66 -3.54
C ALA A 375 1.59 5.20 -3.12
N ASP A 376 2.79 4.67 -2.96
CA ASP A 376 2.95 3.28 -2.56
C ASP A 376 4.15 3.18 -1.61
N ARG A 377 4.03 2.27 -0.64
CA ARG A 377 5.13 2.04 0.30
C ARG A 377 6.35 1.45 -0.38
N GLN A 378 6.18 0.77 -1.52
CA GLN A 378 7.29 0.20 -2.26
C GLN A 378 8.05 1.23 -3.09
N ASP A 379 7.55 2.47 -3.18
CA ASP A 379 8.11 3.46 -4.09
C ASP A 379 9.33 4.19 -3.53
N SER A 380 9.66 4.01 -2.25
CA SER A 380 10.81 4.68 -1.66
C SER A 380 11.20 3.90 -0.41
N PHE A 381 12.38 3.27 -0.42
CA PHE A 381 12.73 2.39 0.68
C PHE A 381 14.24 2.22 0.80
N ARG A 382 14.66 1.78 1.98
CA ARG A 382 16.05 1.42 2.26
C ARG A 382 16.07 0.03 2.89
N ASN A 383 17.06 -0.77 2.51
CA ASN A 383 17.23 -2.11 3.06
C ASN A 383 18.55 -2.10 3.82
N TYR A 384 18.45 -2.12 5.15
CA TYR A 384 19.63 -1.97 6.00
C TYR A 384 20.50 -3.21 5.98
N GLU A 385 19.90 -4.40 5.93
CA GLU A 385 20.70 -5.61 5.88
C GLU A 385 21.52 -5.68 4.61
N GLY A 386 20.95 -5.28 3.48
CA GLY A 386 21.72 -5.14 2.26
C GLY A 386 22.45 -3.82 2.13
N ASP A 387 22.19 -2.87 3.02
CA ASP A 387 22.81 -1.55 2.95
C ASP A 387 22.57 -0.92 1.58
N THR A 388 21.35 -1.06 1.08
CA THR A 388 20.97 -0.61 -0.26
C THR A 388 19.90 0.46 -0.14
N SER A 389 20.17 1.61 -0.75
CA SER A 389 19.28 2.77 -0.69
C SER A 389 18.52 2.93 -2.00
N ARG A 390 17.19 2.92 -1.90
CA ARG A 390 16.26 3.23 -2.98
C ARG A 390 15.31 4.30 -2.47
N VAL A 391 15.88 5.30 -1.78
CA VAL A 391 15.13 6.31 -1.06
C VAL A 391 15.02 7.56 -1.92
N ASP A 392 13.78 7.94 -2.24
CA ASP A 392 13.57 9.21 -2.92
C ASP A 392 14.05 10.36 -2.04
N ASP A 393 14.76 11.30 -2.64
CA ASP A 393 15.24 12.48 -1.94
C ASP A 393 14.54 13.72 -2.49
N ILE A 394 14.04 14.56 -1.59
CA ILE A 394 13.46 15.86 -1.94
C ILE A 394 14.51 16.93 -1.68
N VAL A 395 14.78 17.75 -2.69
CA VAL A 395 15.95 18.63 -2.66
C VAL A 395 15.69 19.89 -1.87
N ASP A 396 14.51 20.49 -2.01
CA ASP A 396 14.28 21.86 -1.53
C ASP A 396 12.94 21.98 -0.82
N PHE A 397 12.61 21.01 0.04
CA PHE A 397 11.33 21.09 0.74
C PHE A 397 11.30 22.28 1.68
N THR A 398 10.20 23.02 1.64
CA THR A 398 10.00 24.21 2.47
C THR A 398 8.80 23.98 3.35
N PRO A 399 8.98 23.76 4.66
CA PRO A 399 7.84 23.41 5.52
C PRO A 399 6.71 24.42 5.49
N GLY A 400 6.98 25.70 5.31
CA GLY A 400 5.91 26.68 5.32
C GLY A 400 5.03 26.64 4.08
N ALA A 401 5.53 26.12 2.98
CA ALA A 401 4.79 26.09 1.72
C ALA A 401 4.53 24.70 1.19
N ASP A 402 5.55 23.85 1.12
CA ASP A 402 5.42 22.57 0.44
C ASP A 402 4.69 21.55 1.31
N LEU A 403 4.24 20.47 0.66
CA LEU A 403 3.43 19.44 1.30
C LEU A 403 3.91 18.07 0.84
N ILE A 404 4.03 17.13 1.78
CA ILE A 404 4.31 15.73 1.49
C ILE A 404 2.99 14.97 1.55
N ASP A 405 2.59 14.37 0.43
CA ASP A 405 1.31 13.69 0.33
C ASP A 405 1.54 12.20 0.53
N LEU A 406 1.27 11.72 1.75
CA LEU A 406 1.31 10.29 2.08
C LEU A 406 -0.08 9.76 2.39
N SER A 407 -1.11 10.40 1.84
CA SER A 407 -2.49 10.16 2.28
C SER A 407 -2.97 8.74 2.03
N GLY A 408 -2.34 8.01 1.11
CA GLY A 408 -2.78 6.66 0.79
C GLY A 408 -1.91 5.56 1.34
N LEU A 409 -1.09 5.87 2.35
CA LEU A 409 -0.09 4.93 2.83
C LEU A 409 -0.40 4.34 4.20
N GLY A 410 -1.46 4.78 4.87
CA GLY A 410 -1.85 4.19 6.13
C GLY A 410 -1.05 4.64 7.34
N TYR A 411 -0.26 5.70 7.22
CA TYR A 411 0.41 6.28 8.38
C TYR A 411 -0.51 7.30 9.05
N SER A 412 -0.39 7.38 10.38
CA SER A 412 -1.27 8.23 11.18
C SER A 412 -0.65 9.57 11.56
N GLY A 413 0.67 9.64 11.62
CA GLY A 413 1.33 10.86 12.03
C GLY A 413 2.78 10.60 12.35
N LEU A 414 3.41 11.63 12.90
CA LEU A 414 4.78 11.52 13.37
C LEU A 414 4.84 10.76 14.69
N GLY A 415 5.96 10.08 14.91
CA GLY A 415 6.14 9.32 16.14
C GLY A 415 7.50 8.65 16.23
N ASP A 416 7.54 7.43 16.77
CA ASP A 416 8.78 6.70 16.93
C ASP A 416 9.15 5.86 15.71
N GLY A 417 8.29 5.82 14.70
CA GLY A 417 8.55 5.05 13.50
C GLY A 417 7.95 3.66 13.49
N TYR A 418 7.20 3.30 14.51
CA TYR A 418 6.55 1.99 14.59
C TYR A 418 5.04 2.17 14.67
N ASN A 419 4.33 1.13 14.28
CA ASN A 419 2.88 1.05 14.43
C ASN A 419 2.18 2.24 13.78
N GLY A 420 2.51 2.49 12.52
CA GLY A 420 1.82 3.49 11.73
C GLY A 420 2.33 4.91 11.87
N THR A 421 3.42 5.13 12.59
CA THR A 421 4.01 6.45 12.71
C THR A 421 5.32 6.50 11.93
N LEU A 422 5.76 7.71 11.64
CA LEU A 422 7.01 7.96 10.94
C LEU A 422 7.93 8.76 11.86
N ALA A 423 9.17 8.33 11.97
CA ALA A 423 10.15 8.99 12.82
C ALA A 423 10.86 10.09 12.04
N LEU A 424 10.93 11.27 12.63
CA LEU A 424 11.62 12.42 12.05
C LEU A 424 13.03 12.45 12.63
N LEU A 425 14.02 12.18 11.78
CA LEU A 425 15.38 11.97 12.24
C LEU A 425 16.35 12.84 11.47
N LEU A 426 17.48 13.17 12.10
CA LEU A 426 18.55 13.91 11.44
C LEU A 426 19.76 13.01 11.29
N ASN A 427 20.45 13.13 10.16
CA ASN A 427 21.67 12.37 9.95
C ASN A 427 22.77 12.87 10.90
N GLU A 428 23.84 12.08 11.00
CA GLU A 428 24.92 12.43 11.90
C GLU A 428 25.76 13.60 11.38
N ASP A 429 25.47 14.08 10.17
CA ASP A 429 26.16 15.24 9.62
C ASP A 429 25.38 16.53 9.79
N GLY A 430 24.05 16.45 9.94
CA GLY A 430 23.23 17.64 9.97
C GLY A 430 22.82 18.16 8.62
N THR A 431 23.07 17.39 7.56
CA THR A 431 22.80 17.82 6.20
C THR A 431 21.59 17.14 5.58
N LYS A 432 21.05 16.10 6.22
CA LYS A 432 19.92 15.35 5.69
C LYS A 432 18.94 15.06 6.81
N THR A 433 17.65 15.15 6.50
CA THR A 433 16.57 14.79 7.40
C THR A 433 15.84 13.61 6.80
N TYR A 434 15.37 12.69 7.64
CA TYR A 434 14.69 11.51 7.16
C TYR A 434 13.33 11.35 7.84
N LEU A 435 12.35 10.92 7.05
CA LEU A 435 11.10 10.39 7.56
C LEU A 435 11.20 8.87 7.39
N LYS A 436 11.26 8.15 8.50
CA LYS A 436 11.58 6.73 8.47
C LYS A 436 10.43 5.90 9.06
N ASP A 437 10.07 4.84 8.35
CA ASP A 437 9.27 3.75 8.92
C ASP A 437 10.25 2.70 9.42
N ARG A 438 10.37 2.57 10.74
CA ARG A 438 11.30 1.63 11.36
CA ARG A 438 11.32 1.63 11.33
C ARG A 438 10.82 0.19 11.31
N GLN A 439 9.70 -0.08 10.65
CA GLN A 439 9.17 -1.43 10.51
CA GLN A 439 9.18 -1.43 10.51
C GLN A 439 9.52 -1.95 9.11
N ALA A 440 10.21 -3.07 9.07
CA ALA A 440 10.61 -3.66 7.80
C ALA A 440 9.49 -4.56 7.27
N ASP A 441 9.38 -4.62 5.94
CA ASP A 441 8.42 -5.52 5.31
C ASP A 441 9.00 -6.93 5.29
N ALA A 442 8.33 -7.84 4.59
CA ALA A 442 8.82 -9.21 4.51
C ALA A 442 10.17 -9.29 3.80
N GLN A 443 10.45 -8.36 2.89
CA GLN A 443 11.69 -8.33 2.13
C GLN A 443 12.78 -7.49 2.79
N GLY A 444 12.53 -6.97 3.99
CA GLY A 444 13.53 -6.19 4.68
C GLY A 444 13.63 -4.75 4.25
N ASN A 445 12.58 -4.22 3.62
CA ASN A 445 12.58 -2.84 3.13
C ASN A 445 11.87 -1.93 4.12
N HIS A 446 12.45 -0.76 4.37
CA HIS A 446 11.89 0.26 5.24
C HIS A 446 11.47 1.44 4.37
N PHE A 447 10.20 1.81 4.43
CA PHE A 447 9.75 3.00 3.72
C PHE A 447 10.38 4.24 4.33
N GLU A 448 11.08 5.02 3.50
CA GLU A 448 11.80 6.20 3.97
C GLU A 448 11.73 7.30 2.93
N ILE A 449 11.83 8.55 3.41
CA ILE A 449 11.95 9.73 2.56
C ILE A 449 13.11 10.56 3.06
N ALA A 450 13.98 10.98 2.15
CA ALA A 450 15.14 11.81 2.45
C ALA A 450 14.88 13.24 2.01
N LEU A 451 15.21 14.20 2.88
CA LEU A 451 15.04 15.62 2.63
C LEU A 451 16.36 16.31 2.87
N ASP A 452 16.91 16.95 1.84
CA ASP A 452 18.20 17.61 2.02
C ASP A 452 18.02 18.83 2.92
N GLY A 453 18.98 19.03 3.82
CA GLY A 453 18.92 20.09 4.80
C GLY A 453 18.59 19.56 6.19
N ASN A 454 18.46 20.50 7.13
CA ASN A 454 18.13 20.21 8.52
C ASN A 454 16.70 20.70 8.77
N LEU A 455 15.76 19.77 8.85
CA LEU A 455 14.34 20.09 8.97
C LEU A 455 13.69 19.47 10.21
N VAL A 456 14.47 18.93 11.14
CA VAL A 456 13.88 18.24 12.29
C VAL A 456 13.10 19.20 13.18
N ASP A 457 13.48 20.48 13.19
CA ASP A 457 12.84 21.44 14.09
C ASP A 457 11.79 22.30 13.41
N SER A 458 11.79 22.38 12.08
CA SER A 458 10.81 23.18 11.35
C SER A 458 9.72 22.34 10.70
N LEU A 459 10.02 21.11 10.30
CA LEU A 459 9.01 20.26 9.69
C LEU A 459 8.03 19.78 10.75
N SER A 460 6.74 19.99 10.50
CA SER A 460 5.70 19.66 11.45
C SER A 460 4.64 18.76 10.79
N ALA A 461 3.64 18.38 11.59
CA ALA A 461 2.61 17.46 11.12
C ALA A 461 1.75 18.08 10.03
N THR A 462 1.51 19.39 10.08
CA THR A 462 0.67 20.05 9.08
C THR A 462 1.36 20.13 7.72
N ASP A 463 2.64 19.77 7.63
CA ASP A 463 3.35 19.70 6.37
C ASP A 463 3.19 18.37 5.66
N ILE A 464 2.57 17.38 6.31
CA ILE A 464 2.37 16.06 5.76
C ILE A 464 0.90 15.71 5.83
N ALA A 465 0.35 15.19 4.72
CA ALA A 465 -1.03 14.71 4.68
C ALA A 465 -1.03 13.21 4.89
N PHE A 466 -1.63 12.76 5.99
CA PHE A 466 -1.61 11.36 6.37
C PHE A 466 -2.87 10.60 5.95
N ASP A 467 -3.94 11.30 5.58
CA ASP A 467 -5.14 10.66 5.08
C ASP A 467 -5.83 11.58 4.08
N ALA A 468 -6.99 11.13 3.60
CA ALA A 468 -7.68 11.87 2.53
C ALA A 468 -8.20 13.21 3.02
N THR A 469 -8.67 13.27 4.27
CA THR A 469 -9.15 14.54 4.81
C THR A 469 -8.03 15.56 4.93
N GLN A 470 -6.85 15.12 5.38
CA GLN A 470 -5.72 16.03 5.49
C GLN A 470 -5.23 16.48 4.12
N LEU A 471 -5.30 15.60 3.12
CA LEU A 471 -4.97 16.00 1.75
C LEU A 471 -5.98 17.03 1.25
N GLU A 472 -7.25 16.85 1.58
CA GLU A 472 -8.29 17.80 1.19
C GLU A 472 -8.03 19.17 1.78
N LEU A 473 -7.66 19.21 3.07
CA LEU A 473 -7.44 20.50 3.73
C LEU A 473 -6.12 21.15 3.34
N LEU A 474 -5.07 20.35 3.11
CA LEU A 474 -3.71 20.85 2.95
C LEU A 474 -3.24 20.94 1.50
N GLY A 475 -4.03 20.49 0.54
CA GLY A 475 -3.54 20.38 -0.82
C GLY A 475 -3.06 21.72 -1.37
N THR A 476 -1.91 21.69 -2.05
CA THR A 476 -1.27 22.87 -2.59
C THR A 476 -1.50 23.07 -4.09
N THR A 477 -2.10 22.11 -4.78
CA THR A 477 -2.22 22.17 -6.23
C THR A 477 -3.65 21.95 -6.68
N ASP A 478 -3.93 22.40 -7.90
CA ASP A 478 -5.19 22.13 -8.58
C ASP A 478 -5.15 20.85 -9.41
N LEU A 479 -3.98 20.23 -9.52
CA LEU A 479 -3.79 19.06 -10.37
C LEU A 479 -4.45 17.82 -9.78
N MET B 1 -22.65 -17.57 68.01
CA MET B 1 -21.82 -16.40 68.29
C MET B 1 -20.42 -16.55 67.71
N ASP B 2 -19.54 -15.59 67.99
CA ASP B 2 -18.17 -15.67 67.50
C ASP B 2 -17.28 -16.38 68.52
N PHE B 3 -16.22 -16.99 68.01
CA PHE B 3 -15.30 -17.79 68.82
C PHE B 3 -13.87 -17.28 68.68
N ASP B 4 -13.27 -16.89 69.80
CA ASP B 4 -11.93 -16.34 69.81
C ASP B 4 -10.93 -17.44 70.15
N VAL B 5 -9.91 -17.60 69.31
CA VAL B 5 -8.92 -18.67 69.49
C VAL B 5 -8.12 -18.49 70.78
N ASP B 7 -9.36 -17.92 73.65
CA ASP B 7 -10.08 -18.66 74.68
C ASP B 7 -9.81 -20.15 74.60
N PHE B 8 -9.29 -20.61 73.46
CA PHE B 8 -8.99 -22.02 73.25
C PHE B 8 -7.51 -22.33 73.41
N GLY B 9 -6.72 -21.37 73.90
CA GLY B 9 -5.32 -21.60 74.19
C GLY B 9 -4.34 -21.15 73.12
N ALA B 10 -4.82 -20.51 72.06
CA ALA B 10 -3.90 -20.00 71.05
C ALA B 10 -3.11 -18.83 71.61
N LYS B 11 -1.79 -18.86 71.39
CA LYS B 11 -0.89 -17.85 71.92
C LYS B 11 -0.54 -16.77 70.90
N GLY B 12 -0.38 -17.13 69.63
CA GLY B 12 -0.04 -16.13 68.62
C GLY B 12 1.28 -15.43 68.89
N ASP B 13 2.30 -16.18 69.27
CA ASP B 13 3.58 -15.60 69.68
C ASP B 13 4.70 -15.87 68.70
N GLY B 14 4.44 -16.58 67.60
CA GLY B 14 5.45 -16.83 66.59
C GLY B 14 6.32 -18.03 66.83
N LYS B 15 6.17 -18.73 67.95
CA LYS B 15 6.90 -19.97 68.19
C LYS B 15 5.99 -21.15 68.51
N SER B 16 4.96 -20.95 69.32
CA SER B 16 4.14 -22.07 69.79
C SER B 16 3.23 -22.57 68.68
N ASP B 17 3.02 -23.89 68.66
CA ASP B 17 2.16 -24.54 67.68
C ASP B 17 0.72 -24.39 68.13
N ASP B 18 -0.03 -23.51 67.45
CA ASP B 18 -1.41 -23.20 67.82
C ASP B 18 -2.43 -24.02 67.04
N THR B 19 -1.99 -25.05 66.31
CA THR B 19 -2.90 -25.78 65.43
C THR B 19 -4.09 -26.34 66.19
N GLU B 20 -3.83 -27.02 67.31
CA GLU B 20 -4.91 -27.66 68.05
C GLU B 20 -5.87 -26.63 68.65
N ALA B 21 -5.36 -25.50 69.14
CA ALA B 21 -6.22 -24.48 69.73
C ALA B 21 -7.12 -23.82 68.67
N ILE B 22 -6.54 -23.45 67.53
CA ILE B 22 -7.32 -22.86 66.44
C ILE B 22 -8.36 -23.87 65.95
N GLN B 23 -7.96 -25.13 65.79
CA GLN B 23 -8.90 -26.16 65.36
C GLN B 23 -9.99 -26.38 66.38
N ALA B 24 -9.67 -26.26 67.67
CA ALA B 24 -10.71 -26.35 68.70
C ALA B 24 -11.71 -25.21 68.56
N ALA B 25 -11.23 -24.01 68.27
CA ALA B 25 -12.15 -22.88 68.04
C ALA B 25 -13.05 -23.16 66.84
N ILE B 26 -12.47 -23.67 65.74
CA ILE B 26 -13.26 -24.01 64.56
C ILE B 26 -14.28 -25.09 64.88
N ASP B 27 -13.87 -26.11 65.63
CA ASP B 27 -14.77 -27.21 65.97
C ASP B 27 -15.92 -26.72 66.84
N ALA B 28 -15.62 -25.85 67.81
CA ALA B 28 -16.67 -25.29 68.65
C ALA B 28 -17.66 -24.48 67.82
N ALA B 29 -17.16 -23.71 66.85
CA ALA B 29 -18.05 -23.00 65.94
C ALA B 29 -18.92 -23.96 65.14
N TYR B 30 -18.32 -25.06 64.67
CA TYR B 30 -19.07 -26.03 63.85
C TYR B 30 -20.16 -26.73 64.66
N GLU B 31 -19.82 -27.20 65.86
CA GLU B 31 -20.80 -27.92 66.69
C GLU B 31 -21.97 -27.03 67.08
N ALA B 32 -21.71 -25.73 67.28
CA ALA B 32 -22.77 -24.79 67.62
C ALA B 32 -23.69 -24.48 66.44
N GLY B 33 -23.38 -24.98 65.25
CA GLY B 33 -24.17 -24.71 64.06
C GLY B 33 -23.63 -23.63 63.16
N GLY B 34 -22.46 -23.07 63.46
CA GLY B 34 -21.88 -22.04 62.63
C GLY B 34 -21.45 -20.83 63.42
N GLY B 35 -20.48 -20.09 62.88
CA GLY B 35 -20.01 -18.89 63.54
C GLY B 35 -18.71 -18.41 62.93
N THR B 36 -18.16 -17.39 63.58
CA THR B 36 -16.92 -16.75 63.17
C THR B 36 -15.85 -17.01 64.22
N VAL B 37 -14.72 -17.55 63.77
CA VAL B 37 -13.54 -17.78 64.61
C VAL B 37 -12.60 -16.60 64.40
N ARG B 38 -12.39 -15.81 65.46
CA ARG B 38 -11.62 -14.57 65.37
C ARG B 38 -10.22 -14.77 65.94
N LEU B 39 -9.23 -14.28 65.20
CA LEU B 39 -7.84 -14.25 65.64
C LEU B 39 -7.40 -12.79 65.67
N SER B 40 -6.86 -12.36 66.82
CA SER B 40 -6.35 -11.01 66.91
C SER B 40 -5.01 -10.91 66.17
N ALA B 41 -4.44 -9.71 66.16
CA ALA B 41 -3.17 -9.50 65.50
C ALA B 41 -2.08 -10.35 66.14
N GLY B 42 -1.26 -10.95 65.31
CA GLY B 42 -0.19 -11.82 65.79
C GLY B 42 0.19 -12.83 64.73
N GLU B 43 1.26 -13.57 65.04
CA GLU B 43 1.76 -14.64 64.18
C GLU B 43 1.46 -15.98 64.86
N TYR B 44 0.60 -16.78 64.24
CA TYR B 44 0.19 -18.08 64.76
C TYR B 44 0.90 -19.18 63.97
N ARG B 45 1.67 -20.01 64.66
CA ARG B 45 2.38 -21.11 64.04
C ARG B 45 1.49 -22.34 64.00
N VAL B 46 1.42 -23.00 62.84
CA VAL B 46 0.60 -24.19 62.67
C VAL B 46 1.43 -25.28 62.00
N SER B 47 0.97 -26.52 62.14
CA SER B 47 1.61 -27.68 61.55
C SER B 47 0.55 -28.62 61.00
N GLY B 48 0.99 -29.60 60.22
CA GLY B 48 0.11 -30.54 59.58
C GLY B 48 -0.14 -31.80 60.39
N GLY B 49 -0.77 -32.77 59.73
CA GLY B 49 -1.11 -34.04 60.34
C GLY B 49 -0.32 -35.20 59.77
N ASP B 50 -0.97 -36.37 59.66
CA ASP B 50 -0.29 -37.56 59.14
C ASP B 50 -0.17 -37.53 57.62
N GLU B 51 -1.14 -36.96 56.92
CA GLU B 51 -1.19 -37.00 55.47
C GLU B 51 -1.24 -35.58 54.89
N ALA B 52 -0.97 -35.50 53.59
CA ALA B 52 -1.04 -34.21 52.90
C ALA B 52 -2.46 -33.66 52.92
N SER B 53 -3.45 -34.54 52.72
CA SER B 53 -4.85 -34.11 52.66
C SER B 53 -5.38 -33.63 54.00
N ASP B 54 -4.65 -33.86 55.10
CA ASP B 54 -5.08 -33.33 56.39
C ASP B 54 -4.87 -31.83 56.47
N GLY B 55 -3.97 -31.28 55.65
CA GLY B 55 -3.64 -29.87 55.72
C GLY B 55 -3.07 -29.51 57.07
N ALA B 56 -3.33 -28.27 57.49
CA ALA B 56 -2.96 -27.81 58.82
C ALA B 56 -4.20 -27.50 59.66
N LEU B 57 -5.07 -26.62 59.18
CA LEU B 57 -6.33 -26.31 59.84
C LEU B 57 -7.48 -26.72 58.93
N MET B 58 -8.47 -27.40 59.51
CA MET B 58 -9.60 -27.94 58.76
C MET B 58 -10.80 -27.05 59.01
N ILE B 59 -11.08 -26.14 58.09
CA ILE B 59 -12.23 -25.27 58.20
C ILE B 59 -13.47 -26.08 57.84
N SER B 61 -18.09 -26.48 57.68
CA SER B 61 -19.32 -25.86 57.20
C SER B 61 -19.83 -24.82 58.18
N ASN B 62 -20.23 -23.65 57.65
CA ASN B 62 -20.80 -22.54 58.38
C ASN B 62 -19.80 -21.82 59.28
N VAL B 63 -18.51 -22.03 59.09
CA VAL B 63 -17.47 -21.43 59.92
C VAL B 63 -16.64 -20.48 59.07
N TYR B 64 -16.51 -19.24 59.52
CA TYR B 64 -15.68 -18.23 58.87
C TYR B 64 -14.53 -17.84 59.79
N MET B 65 -13.32 -17.81 59.24
CA MET B 65 -12.14 -17.37 59.99
C MET B 65 -11.87 -15.91 59.68
N ASP B 66 -11.68 -15.10 60.72
CA ASP B 66 -11.63 -13.65 60.59
C ASP B 66 -10.46 -13.13 61.43
N GLY B 67 -9.43 -12.63 60.76
CA GLY B 67 -8.26 -12.09 61.43
C GLY B 67 -8.31 -10.57 61.55
N ALA B 68 -7.17 -10.01 61.96
CA ALA B 68 -7.04 -8.58 62.16
C ALA B 68 -6.60 -7.84 60.90
N GLY B 69 -6.37 -8.54 59.80
CA GLY B 69 -5.95 -7.91 58.56
C GLY B 69 -4.74 -8.57 57.95
N MET B 70 -4.55 -8.37 56.64
CA MET B 70 -3.37 -8.89 55.97
C MET B 70 -2.12 -8.30 56.59
N GLY B 71 -1.15 -9.16 56.91
CA GLY B 71 0.07 -8.73 57.56
C GLY B 71 -0.06 -8.50 59.06
N GLU B 72 -1.27 -8.38 59.58
CA GLU B 72 -1.51 -8.20 61.01
C GLU B 72 -1.79 -9.54 61.70
N THR B 73 -2.71 -10.32 61.14
CA THR B 73 -2.91 -11.71 61.53
C THR B 73 -2.22 -12.59 60.49
N VAL B 74 -1.22 -13.33 60.93
CA VAL B 74 -0.39 -14.16 60.05
C VAL B 74 -0.42 -15.59 60.57
N ILE B 75 -0.88 -16.50 59.72
CA ILE B 75 -0.85 -17.92 60.03
C ILE B 75 0.32 -18.54 59.26
N LEU B 77 3.39 -21.55 58.71
CA LEU B 77 3.80 -22.94 58.90
C LEU B 77 5.03 -23.00 59.79
N VAL B 78 5.04 -23.98 60.71
CA VAL B 78 6.12 -24.08 61.69
C VAL B 78 7.44 -24.38 60.97
N ASP B 79 8.54 -23.92 61.56
CA ASP B 79 9.86 -24.24 61.03
C ASP B 79 10.12 -25.74 61.09
N GLY B 80 10.70 -26.28 60.02
CA GLY B 80 11.13 -27.66 60.01
C GLY B 80 10.11 -28.68 59.53
N TRP B 81 8.89 -28.27 59.19
CA TRP B 81 7.94 -29.22 58.62
C TRP B 81 8.49 -29.75 57.31
N ASP B 82 8.49 -31.08 57.16
CA ASP B 82 9.17 -31.71 56.03
C ASP B 82 8.25 -32.63 55.24
N GLN B 83 6.96 -32.33 55.23
CA GLN B 83 5.97 -33.11 54.51
C GLN B 83 5.16 -32.18 53.63
N LEU B 85 2.08 -30.35 52.59
CA LEU B 85 0.91 -29.89 53.32
C LEU B 85 -0.04 -29.25 52.31
N THR B 86 -1.14 -29.95 52.01
CA THR B 86 -2.09 -29.50 51.00
C THR B 86 -3.17 -28.65 51.67
N GLY B 87 -2.84 -27.38 51.87
CA GLY B 87 -3.79 -26.42 52.41
C GLY B 87 -3.55 -26.09 53.87
N ILE B 88 -2.93 -24.94 54.13
CA ILE B 88 -2.80 -24.48 55.52
C ILE B 88 -4.18 -24.32 56.15
N ILE B 89 -5.14 -23.79 55.39
CA ILE B 89 -6.56 -23.86 55.72
C ILE B 89 -7.25 -24.58 54.57
N ARG B 90 -8.07 -25.58 54.91
CA ARG B 90 -8.69 -26.39 53.87
C ARG B 90 -9.97 -27.02 54.38
N SER B 91 -10.78 -27.47 53.43
CA SER B 91 -11.98 -28.26 53.73
C SER B 91 -11.66 -29.75 53.60
N ASN B 93 -11.53 -33.59 52.57
CA ASN B 93 -11.69 -34.45 51.41
C ASN B 93 -12.83 -35.42 51.65
N GLY B 94 -13.70 -35.57 50.65
CA GLY B 94 -14.85 -36.44 50.78
C GLY B 94 -16.04 -35.82 51.49
N GLU B 95 -16.03 -34.51 51.70
CA GLU B 95 -17.13 -33.81 52.37
C GLU B 95 -17.57 -32.58 51.59
N THR B 97 -18.32 -29.54 52.07
CA THR B 97 -18.23 -28.40 52.96
C THR B 97 -18.84 -27.16 52.30
N HIS B 98 -19.53 -26.33 53.07
CA HIS B 98 -20.26 -25.22 52.49
C HIS B 98 -20.34 -24.05 53.44
N ASP B 99 -20.51 -22.86 52.85
CA ASP B 99 -20.71 -21.60 53.57
C ASP B 99 -19.60 -21.34 54.58
N TYR B 100 -18.37 -21.34 54.09
CA TYR B 100 -17.21 -21.02 54.89
C TYR B 100 -16.33 -20.04 54.13
N GLY B 101 -15.38 -19.45 54.84
CA GLY B 101 -14.49 -18.50 54.21
C GLY B 101 -13.43 -18.03 55.17
N ILE B 102 -12.53 -17.22 54.62
CA ILE B 102 -11.43 -16.61 55.37
C ILE B 102 -11.37 -15.13 55.01
N ARG B 103 -11.09 -14.29 56.03
CA ARG B 103 -11.03 -12.85 55.86
C ARG B 103 -9.90 -12.26 56.69
N ASP B 104 -9.24 -11.25 56.13
CA ASP B 104 -8.38 -10.34 56.89
C ASP B 104 -7.24 -11.08 57.59
N LEU B 105 -6.52 -11.92 56.85
CA LEU B 105 -5.42 -12.66 57.42
C LEU B 105 -4.39 -12.99 56.35
N THR B 106 -3.22 -13.41 56.82
CA THR B 106 -2.12 -13.83 55.96
C THR B 106 -1.77 -15.29 56.25
N LEU B 107 -1.67 -16.08 55.20
CA LEU B 107 -1.16 -17.45 55.26
C LEU B 107 0.27 -17.43 54.71
N ASP B 108 1.21 -17.93 55.51
CA ASP B 108 2.63 -17.91 55.16
C ASP B 108 3.12 -19.35 55.11
N GLY B 109 3.59 -19.76 53.94
CA GLY B 109 4.01 -21.14 53.77
C GLY B 109 5.39 -21.47 54.30
N ASN B 110 6.16 -20.46 54.69
CA ASN B 110 7.47 -20.65 55.32
C ASN B 110 8.36 -21.57 54.47
N GLN B 111 8.35 -21.34 53.15
CA GLN B 111 9.09 -22.21 52.24
C GLN B 111 10.59 -22.19 52.52
N ASP B 112 11.10 -21.09 53.08
CA ASP B 112 12.53 -21.00 53.35
C ASP B 112 12.97 -21.90 54.51
N ASN B 113 12.03 -22.37 55.33
CA ASN B 113 12.36 -23.18 56.49
C ASN B 113 11.63 -24.51 56.50
N THR B 114 10.96 -24.87 55.41
CA THR B 114 10.18 -26.10 55.33
C THR B 114 10.45 -26.78 54.00
N GLU B 115 10.27 -28.10 53.97
CA GLU B 115 10.38 -28.89 52.76
C GLU B 115 9.05 -29.54 52.41
N GLY B 116 8.83 -29.68 51.11
CA GLY B 116 7.64 -30.33 50.58
C GLY B 116 6.71 -29.33 49.90
N GLU B 117 5.81 -29.87 49.08
CA GLU B 117 4.86 -29.05 48.35
C GLU B 117 3.78 -28.58 49.31
N VAL B 118 3.64 -27.26 49.45
CA VAL B 118 2.71 -26.65 50.39
C VAL B 118 1.75 -25.76 49.61
N ASP B 119 0.47 -25.87 49.92
CA ASP B 119 -0.56 -25.02 49.36
C ASP B 119 -1.22 -24.20 50.47
N GLY B 120 -1.62 -22.98 50.13
CA GLY B 120 -2.19 -22.08 51.12
C GLY B 120 -3.63 -22.36 51.47
N PHE B 121 -4.52 -22.23 50.48
CA PHE B 121 -5.96 -22.37 50.68
C PHE B 121 -6.48 -23.41 49.69
N TYR B 122 -7.10 -24.47 50.21
CA TYR B 122 -7.52 -25.61 49.40
C TYR B 122 -8.98 -25.93 49.67
N THR B 123 -9.74 -26.15 48.61
CA THR B 123 -11.15 -26.50 48.68
C THR B 123 -11.42 -27.68 47.75
N GLY B 124 -12.62 -28.23 47.85
CA GLY B 124 -13.06 -29.29 46.96
C GLY B 124 -13.62 -30.48 47.71
N TYR B 125 -14.13 -31.44 46.94
CA TYR B 125 -14.76 -32.63 47.52
C TYR B 125 -13.90 -33.87 47.31
N ILE B 126 -13.71 -34.31 46.06
CA ILE B 126 -12.87 -35.45 45.71
C ILE B 126 -12.42 -35.28 44.26
N PRO B 127 -11.13 -35.41 43.96
CA PRO B 127 -10.68 -35.43 42.57
C PRO B 127 -11.35 -36.54 41.77
N ARG B 128 -11.74 -36.21 40.55
CA ARG B 128 -12.41 -37.11 39.62
C ARG B 128 -13.79 -37.58 40.04
N GLU B 129 -14.39 -37.07 41.10
CA GLU B 129 -15.69 -37.61 41.44
C GLU B 129 -16.74 -36.51 41.48
N ASP B 130 -18.00 -36.92 41.44
CA ASP B 130 -19.05 -35.94 41.47
C ASP B 130 -19.24 -35.50 42.91
N GLY B 131 -19.65 -34.24 43.07
CA GLY B 131 -19.69 -33.65 44.40
C GLY B 131 -18.78 -32.44 44.50
N ALA B 132 -19.18 -31.46 45.30
CA ALA B 132 -18.47 -30.19 45.32
C ALA B 132 -18.66 -29.49 46.65
N ASP B 133 -17.62 -28.78 47.07
CA ASP B 133 -17.80 -27.68 48.01
C ASP B 133 -18.59 -26.58 47.33
N TYR B 134 -19.32 -25.81 48.13
CA TYR B 134 -20.08 -24.72 47.56
C TYR B 134 -20.22 -23.56 48.55
N ASN B 135 -20.38 -22.36 47.99
CA ASN B 135 -20.53 -21.11 48.75
C ASN B 135 -19.31 -20.88 49.66
N VAL B 136 -18.18 -20.67 49.02
CA VAL B 136 -16.89 -20.45 49.69
C VAL B 136 -16.42 -19.04 49.41
N THR B 137 -15.86 -18.39 50.44
CA THR B 137 -15.47 -16.99 50.30
C THR B 137 -14.08 -16.73 50.90
N ALA B 138 -13.25 -16.01 50.15
CA ALA B 138 -11.99 -15.49 50.66
C ALA B 138 -11.94 -14.00 50.35
N GLU B 139 -11.84 -13.18 51.39
CA GLU B 139 -11.85 -11.72 51.24
C GLU B 139 -10.67 -11.12 51.99
N ARG B 140 -9.92 -10.25 51.31
CA ARG B 140 -8.81 -9.53 51.92
C ARG B 140 -7.83 -10.49 52.60
N VAL B 141 -7.40 -11.50 51.86
CA VAL B 141 -6.52 -12.53 52.35
C VAL B 141 -5.21 -12.46 51.57
N GLU B 142 -4.09 -12.48 52.27
CA GLU B 142 -2.78 -12.54 51.65
C GLU B 142 -2.20 -13.93 51.85
N ILE B 143 -1.74 -14.55 50.76
CA ILE B 143 -1.05 -15.84 50.83
C ILE B 143 0.32 -15.68 50.20
N ARG B 144 1.35 -16.05 50.95
CA ARG B 144 2.71 -15.79 50.51
C ARG B 144 3.63 -16.92 50.96
N GLU B 145 4.72 -17.10 50.21
CA GLU B 145 5.84 -17.98 50.58
C GLU B 145 5.43 -19.44 50.71
N VAL B 146 4.37 -19.86 50.03
CA VAL B 146 4.06 -21.29 49.96
C VAL B 146 4.86 -21.91 48.82
N SER B 147 5.12 -23.21 48.95
CA SER B 147 6.05 -23.85 48.02
C SER B 147 5.42 -24.21 46.68
N ARG B 148 4.11 -24.46 46.64
CA ARG B 148 3.48 -24.77 45.36
C ARG B 148 2.39 -23.79 44.96
N TYR B 149 1.30 -23.68 45.72
CA TYR B 149 0.11 -22.96 45.26
C TYR B 149 -0.41 -22.06 46.38
N GLY B 150 -0.55 -20.77 46.09
CA GLY B 150 -1.09 -19.87 47.08
C GLY B 150 -2.57 -20.10 47.34
N PHE B 151 -3.41 -19.71 46.38
CA PHE B 151 -4.82 -20.01 46.40
C PHE B 151 -5.06 -21.20 45.48
N ASP B 152 -5.50 -22.32 46.05
CA ASP B 152 -5.69 -23.56 45.30
C ASP B 152 -7.09 -24.14 45.58
N PRO B 153 -8.15 -23.44 45.18
CA PRO B 153 -9.46 -24.09 45.16
C PRO B 153 -9.46 -25.22 44.15
N HIS B 154 -10.10 -26.33 44.50
CA HIS B 154 -9.94 -27.54 43.71
C HIS B 154 -11.27 -28.23 43.43
N GLU B 155 -11.19 -29.44 42.90
CA GLU B 155 -12.32 -30.11 42.28
C GLU B 155 -13.17 -30.80 43.34
N GLN B 156 -14.46 -30.46 43.39
CA GLN B 156 -15.11 -29.37 42.68
C GLN B 156 -15.51 -28.28 43.68
N THR B 157 -15.65 -27.04 43.21
CA THR B 157 -16.13 -25.95 44.04
C THR B 157 -17.12 -25.11 43.25
N ILE B 158 -18.27 -24.83 43.84
CA ILE B 158 -19.34 -24.06 43.22
C ILE B 158 -19.54 -22.78 44.01
N ASN B 159 -19.72 -21.67 43.31
CA ASN B 159 -19.97 -20.36 43.92
C ASN B 159 -18.85 -19.98 44.89
N LEU B 160 -17.62 -20.15 44.43
CA LEU B 160 -16.46 -19.60 45.12
C LEU B 160 -16.27 -18.14 44.74
N THR B 161 -15.95 -17.31 45.74
CA THR B 161 -15.62 -15.91 45.49
C THR B 161 -14.35 -15.56 46.25
N ILE B 162 -13.31 -15.17 45.52
CA ILE B 162 -12.10 -14.61 46.10
C ILE B 162 -12.00 -13.16 45.64
N ARG B 163 -11.96 -12.23 46.60
CA ARG B 163 -11.95 -10.82 46.28
C ARG B 163 -10.98 -10.08 47.19
N ASP B 164 -10.36 -9.04 46.63
CA ASP B 164 -9.50 -8.12 47.38
C ASP B 164 -8.31 -8.85 48.02
N SER B 165 -7.82 -9.90 47.38
CA SER B 165 -6.79 -10.76 47.95
C SER B 165 -5.49 -10.62 47.17
N VAL B 166 -4.38 -10.99 47.83
CA VAL B 166 -3.05 -10.88 47.26
C VAL B 166 -2.34 -12.22 47.44
N ALA B 167 -1.71 -12.71 46.37
CA ALA B 167 -0.83 -13.87 46.45
C ALA B 167 0.49 -13.50 45.82
N HIS B 168 1.59 -13.66 46.56
CA HIS B 168 2.88 -13.26 46.04
C HIS B 168 3.99 -14.15 46.62
N ASN B 169 5.08 -14.26 45.85
CA ASN B 169 6.26 -15.02 46.24
C ASN B 169 5.92 -16.47 46.59
N ASN B 170 5.02 -17.06 45.80
CA ASN B 170 4.67 -18.47 45.94
C ASN B 170 5.45 -19.33 44.94
N GLY B 171 5.50 -20.62 45.24
CA GLY B 171 6.38 -21.51 44.47
C GLY B 171 5.98 -21.67 43.01
N LYS B 172 4.72 -22.01 42.75
CA LYS B 172 4.27 -22.17 41.37
C LYS B 172 3.25 -21.10 40.97
N ASP B 173 2.06 -21.13 41.54
CA ASP B 173 0.98 -20.26 41.08
C ASP B 173 0.38 -19.50 42.25
N GLY B 174 0.13 -18.20 42.04
CA GLY B 174 -0.56 -17.42 43.05
C GLY B 174 -2.00 -17.86 43.22
N PHE B 175 -2.73 -18.00 42.10
CA PHE B 175 -4.09 -18.50 42.09
C PHE B 175 -4.19 -19.63 41.08
N VAL B 176 -4.78 -20.76 41.49
CA VAL B 176 -5.06 -21.85 40.56
C VAL B 176 -6.44 -22.42 40.90
N GLY B 177 -7.39 -22.24 39.98
CA GLY B 177 -8.74 -22.75 40.08
C GLY B 177 -8.96 -24.04 39.30
N ASP B 178 -9.21 -25.12 40.03
CA ASP B 178 -9.42 -26.45 39.47
C ASP B 178 -10.89 -26.80 39.59
N PHE B 179 -11.57 -26.91 38.44
CA PHE B 179 -12.98 -27.27 38.37
C PHE B 179 -13.84 -26.36 39.25
N GLN B 180 -13.62 -25.05 39.11
CA GLN B 180 -14.49 -24.07 39.75
C GLN B 180 -15.73 -23.85 38.90
N ILE B 181 -16.88 -23.74 39.56
CA ILE B 181 -18.16 -23.60 38.88
C ILE B 181 -18.88 -22.39 39.44
N ASP B 182 -19.37 -21.53 38.54
CA ASP B 182 -20.13 -20.34 38.91
C ASP B 182 -19.37 -19.48 39.93
N SER B 183 -18.11 -19.20 39.63
CA SER B 183 -17.20 -18.60 40.59
C SER B 183 -16.65 -17.28 40.06
N THR B 184 -16.19 -16.45 41.00
CA THR B 184 -15.72 -15.10 40.72
C THR B 184 -14.40 -14.84 41.42
N PHE B 185 -13.44 -14.31 40.67
CA PHE B 185 -12.21 -13.74 41.20
C PHE B 185 -12.17 -12.27 40.80
N GLU B 186 -12.20 -11.38 41.78
CA GLU B 186 -12.30 -9.96 41.48
C GLU B 186 -11.38 -9.15 42.39
N ASN B 187 -10.71 -8.16 41.80
CA ASN B 187 -9.90 -7.18 42.54
C ASN B 187 -8.76 -7.84 43.30
N ASN B 188 -8.13 -8.84 42.68
CA ASN B 188 -7.01 -9.53 43.28
C ASN B 188 -5.69 -9.11 42.62
N VAL B 189 -4.60 -9.31 43.36
CA VAL B 189 -3.25 -9.07 42.86
C VAL B 189 -2.44 -10.34 43.07
N SER B 190 -1.83 -10.84 41.99
CA SER B 190 -0.99 -12.02 42.05
C SER B 190 0.33 -11.68 41.37
N HIS B 191 1.42 -11.58 42.14
CA HIS B 191 2.67 -11.07 41.61
C HIS B 191 3.85 -11.81 42.20
N ASP B 192 4.95 -11.82 41.43
CA ASP B 192 6.22 -12.41 41.86
C ASP B 192 6.08 -13.88 42.23
N ASN B 193 5.18 -14.59 41.56
CA ASN B 193 5.02 -16.02 41.78
C ASN B 193 5.89 -16.81 40.81
N GLY B 194 6.14 -18.07 41.17
CA GLY B 194 7.09 -18.86 40.41
C GLY B 194 6.65 -19.11 38.98
N ARG B 195 5.40 -19.51 38.79
CA ARG B 195 4.91 -19.80 37.44
C ARG B 195 3.79 -18.86 37.02
N HIS B 196 2.62 -18.91 37.65
CA HIS B 196 1.46 -18.19 37.13
C HIS B 196 0.88 -17.26 38.17
N GLY B 197 0.41 -16.11 37.71
CA GLY B 197 -0.41 -15.26 38.55
C GLY B 197 -1.78 -15.87 38.77
N PHE B 198 -2.48 -16.16 37.66
CA PHE B 198 -3.79 -16.78 37.70
C PHE B 198 -3.81 -17.94 36.72
N ASN B 199 -4.39 -19.05 37.16
CA ASN B 199 -4.49 -20.26 36.35
C ASN B 199 -5.89 -20.84 36.50
N ILE B 200 -6.64 -20.91 35.40
CA ILE B 200 -7.96 -21.52 35.40
C ILE B 200 -7.87 -22.80 34.58
N VAL B 201 -8.15 -23.95 35.20
CA VAL B 201 -7.82 -25.23 34.61
C VAL B 201 -8.84 -26.28 35.07
N THR B 202 -8.78 -27.46 34.45
CA THR B 202 -9.52 -28.65 34.87
C THR B 202 -11.04 -28.43 34.83
N SER B 203 -11.53 -28.14 33.62
CA SER B 203 -12.96 -28.12 33.31
C SER B 203 -13.73 -27.02 34.03
N SER B 204 -13.04 -26.00 34.55
CA SER B 204 -13.75 -24.89 35.18
C SER B 204 -14.66 -24.20 34.19
N HIS B 205 -15.87 -23.85 34.62
CA HIS B 205 -16.79 -23.18 33.72
C HIS B 205 -17.62 -22.15 34.47
N ASP B 206 -18.09 -21.15 33.72
CA ASP B 206 -18.84 -20.01 34.25
C ASP B 206 -18.03 -19.25 35.31
N ILE B 207 -16.86 -18.78 34.89
CA ILE B 207 -15.91 -18.10 35.76
C ILE B 207 -15.82 -16.64 35.34
N LEU B 208 -15.91 -15.74 36.31
CA LEU B 208 -15.69 -14.32 36.12
C LEU B 208 -14.36 -13.92 36.73
N LEU B 209 -13.51 -13.25 35.95
CA LEU B 209 -12.23 -12.72 36.41
C LEU B 209 -12.24 -11.22 36.14
N ARG B 210 -12.58 -10.43 37.15
CA ARG B 210 -12.81 -8.99 36.98
C ARG B 210 -11.78 -8.19 37.76
N ASP B 211 -11.06 -7.32 37.06
CA ASP B 211 -10.19 -6.31 37.68
C ASP B 211 -9.06 -6.92 38.49
N ASN B 212 -8.52 -8.03 38.01
CA ASN B 212 -7.37 -8.66 38.65
C ASN B 212 -6.07 -8.15 38.03
N VAL B 213 -4.99 -8.20 38.82
CA VAL B 213 -3.69 -7.68 38.42
C VAL B 213 -2.65 -8.78 38.63
N ALA B 214 -1.83 -9.01 37.60
CA ALA B 214 -0.76 -9.98 37.67
C ALA B 214 0.51 -9.40 37.05
N TYR B 215 1.61 -9.43 37.80
CA TYR B 215 2.87 -8.93 37.29
C TYR B 215 4.04 -9.67 37.95
N GLY B 216 5.17 -9.71 37.24
CA GLY B 216 6.39 -10.26 37.81
C GLY B 216 6.44 -11.76 37.94
N ASN B 217 5.45 -12.47 37.41
CA ASN B 217 5.42 -13.92 37.51
C ASN B 217 6.33 -14.56 36.47
N GLY B 218 6.86 -15.73 36.79
CA GLY B 218 7.78 -16.43 35.91
C GLY B 218 7.17 -16.92 34.63
N ALA B 219 5.85 -17.01 34.56
CA ALA B 219 5.13 -17.44 33.37
C ALA B 219 3.89 -16.56 33.27
N ASN B 220 2.89 -17.03 32.53
CA ASN B 220 1.70 -16.24 32.23
C ASN B 220 1.15 -15.52 33.45
N GLY B 221 0.74 -14.26 33.25
CA GLY B 221 -0.02 -13.58 34.29
C GLY B 221 -1.37 -14.22 34.51
N LEU B 222 -2.07 -14.55 33.44
CA LEU B 222 -3.29 -15.35 33.50
C LEU B 222 -3.24 -16.37 32.38
N VAL B 223 -3.53 -17.62 32.71
CA VAL B 223 -3.66 -18.69 31.74
C VAL B 223 -4.99 -19.40 31.96
N VAL B 224 -5.73 -19.61 30.86
CA VAL B 224 -6.94 -20.43 30.86
C VAL B 224 -6.67 -21.61 29.95
N GLN B 225 -6.76 -22.82 30.49
CA GLN B 225 -6.26 -23.99 29.79
C GLN B 225 -7.02 -25.23 30.22
N ARG B 226 -7.04 -26.22 29.31
CA ARG B 226 -7.68 -27.49 29.62
C ARG B 226 -6.92 -28.25 30.72
N GLY B 227 -5.59 -28.22 30.66
CA GLY B 227 -4.76 -29.02 31.52
C GLY B 227 -4.13 -30.16 30.73
N SER B 228 -3.45 -31.05 31.46
CA SER B 228 -2.71 -32.14 30.84
C SER B 228 -3.53 -33.41 30.67
N GLU B 229 -4.80 -33.41 31.05
CA GLU B 229 -5.65 -34.59 30.96
C GLU B 229 -6.71 -34.41 29.88
N ASP B 230 -7.12 -35.54 29.30
CA ASP B 230 -8.19 -35.59 28.30
C ASP B 230 -9.53 -35.51 29.02
N ILE B 231 -9.90 -34.28 29.40
CA ILE B 231 -11.12 -34.00 30.14
C ILE B 231 -11.84 -32.85 29.45
N ALA B 232 -13.04 -32.54 29.96
CA ALA B 232 -13.82 -31.47 29.37
C ALA B 232 -13.07 -30.15 29.45
N HIS B 233 -13.18 -29.35 28.38
CA HIS B 233 -12.51 -28.07 28.31
C HIS B 233 -13.22 -27.04 29.18
N PRO B 234 -12.51 -26.03 29.65
CA PRO B 234 -13.18 -24.90 30.31
C PRO B 234 -14.05 -24.14 29.32
N TYR B 235 -15.11 -23.55 29.83
CA TYR B 235 -15.99 -22.75 28.99
C TYR B 235 -16.65 -21.65 29.80
N ASN B 236 -17.12 -20.63 29.10
CA ASN B 236 -17.79 -19.47 29.69
C ASN B 236 -16.87 -18.77 30.70
N ILE B 237 -15.70 -18.36 30.20
CA ILE B 237 -14.68 -17.69 31.00
C ILE B 237 -14.64 -16.23 30.56
N GLN B 238 -15.07 -15.34 31.45
CA GLN B 238 -15.19 -13.92 31.16
C GLN B 238 -14.11 -13.18 31.94
N ILE B 239 -13.15 -12.60 31.22
CA ILE B 239 -12.11 -11.78 31.81
C ILE B 239 -12.43 -10.33 31.47
N GLU B 240 -12.65 -9.51 32.50
CA GLU B 240 -13.02 -8.12 32.31
C GLU B 240 -12.09 -7.23 33.12
N GLY B 241 -11.47 -6.26 32.45
CA GLY B 241 -10.65 -5.29 33.15
C GLY B 241 -9.36 -5.89 33.69
N GLY B 242 -8.70 -5.09 34.53
CA GLY B 242 -7.47 -5.51 35.16
C GLY B 242 -6.24 -5.25 34.31
N ALA B 243 -5.10 -5.72 34.81
CA ALA B 243 -3.83 -5.52 34.15
C ALA B 243 -2.97 -6.77 34.30
N TYR B 244 -2.32 -7.16 33.21
CA TYR B 244 -1.43 -8.33 33.19
C TYR B 244 -0.14 -7.91 32.50
N HIS B 245 0.90 -7.60 33.29
CA HIS B 245 2.07 -6.92 32.77
C HIS B 245 3.34 -7.47 33.40
N ASP B 246 4.45 -7.32 32.66
CA ASP B 246 5.79 -7.61 33.15
C ASP B 246 5.92 -9.04 33.67
N ASN B 247 5.36 -9.99 32.94
CA ASN B 247 5.50 -11.40 33.27
C ASN B 247 6.54 -12.06 32.36
N GLY B 248 6.98 -13.25 32.77
CA GLY B 248 7.99 -13.98 32.02
C GLY B 248 7.49 -14.72 30.80
N ALA B 249 6.19 -14.70 30.57
CA ALA B 249 5.57 -15.39 29.45
C ALA B 249 4.47 -14.47 28.91
N GLU B 250 3.53 -15.05 28.16
CA GLU B 250 2.40 -14.27 27.66
C GLU B 250 1.66 -13.61 28.83
N GLY B 251 1.10 -12.43 28.56
CA GLY B 251 0.27 -11.78 29.56
C GLY B 251 -1.00 -12.57 29.84
N VAL B 252 -1.72 -12.93 28.77
CA VAL B 252 -2.91 -13.77 28.86
C VAL B 252 -2.79 -14.87 27.81
N LEU B 253 -2.84 -16.12 28.26
CA LEU B 253 -2.82 -17.29 27.38
C LEU B 253 -4.12 -18.05 27.57
N ILE B 254 -4.84 -18.28 26.49
CA ILE B 254 -6.06 -19.05 26.52
C ILE B 254 -5.95 -20.16 25.49
N MET B 256 -7.58 -24.18 24.38
CA MET B 256 -8.51 -25.29 24.53
C MET B 256 -9.64 -24.91 25.48
N THR B 257 -10.32 -23.83 25.14
CA THR B 257 -11.41 -23.26 25.94
C THR B 257 -12.54 -22.86 24.99
N SER B 258 -13.77 -22.90 25.49
CA SER B 258 -14.94 -22.50 24.72
C SER B 258 -15.55 -21.23 25.32
N ASN B 259 -16.03 -20.34 24.44
CA ASN B 259 -16.74 -19.13 24.84
C ASN B 259 -15.95 -18.33 25.87
N ALA B 260 -14.75 -17.93 25.49
CA ALA B 260 -13.90 -17.10 26.32
C ALA B 260 -13.92 -15.67 25.83
N SER B 261 -13.91 -14.72 26.76
CA SER B 261 -13.88 -13.31 26.40
C SER B 261 -12.84 -12.59 27.24
N LEU B 262 -12.12 -11.66 26.62
CA LEU B 262 -11.14 -10.81 27.27
C LEU B 262 -11.43 -9.37 26.86
N GLN B 263 -11.81 -8.54 27.83
CA GLN B 263 -12.27 -7.19 27.52
C GLN B 263 -11.76 -6.18 28.52
N GLY B 264 -11.30 -5.04 28.01
CA GLY B 264 -10.96 -3.89 28.85
C GLY B 264 -9.70 -4.02 29.66
N ALA B 265 -8.83 -4.98 29.32
CA ALA B 265 -7.64 -5.22 30.11
C ALA B 265 -6.44 -4.46 29.57
N GLU B 266 -5.46 -4.24 30.44
CA GLU B 266 -4.20 -3.59 30.10
C GLU B 266 -3.09 -4.64 30.15
N ILE B 267 -2.46 -4.89 29.00
CA ILE B 267 -1.51 -5.99 28.85
C ILE B 267 -0.26 -5.42 28.19
N TYR B 268 0.85 -5.38 28.94
CA TYR B 268 2.05 -4.73 28.44
C TYR B 268 3.28 -5.30 29.13
N GLY B 269 4.43 -5.16 28.46
CA GLY B 269 5.70 -5.44 29.09
C GLY B 269 6.05 -6.89 29.26
N ASN B 270 5.23 -7.81 28.75
CA ASN B 270 5.49 -9.23 28.96
C ASN B 270 6.60 -9.71 28.04
N ASP B 271 7.21 -10.85 28.42
CA ASP B 271 8.30 -11.42 27.63
C ASP B 271 7.81 -12.09 26.36
N ALA B 272 6.62 -12.70 26.38
CA ALA B 272 6.02 -13.31 25.22
C ALA B 272 4.88 -12.42 24.71
N ALA B 273 4.10 -12.94 23.77
CA ALA B 273 2.99 -12.20 23.20
C ALA B 273 2.03 -11.71 24.29
N GLY B 274 1.42 -10.55 24.05
CA GLY B 274 0.48 -10.01 25.03
C GLY B 274 -0.72 -10.91 25.24
N VAL B 275 -1.32 -11.36 24.14
CA VAL B 275 -2.46 -12.28 24.17
C VAL B 275 -2.17 -13.42 23.22
N ARG B 276 -2.31 -14.65 23.70
CA ARG B 276 -2.14 -15.83 22.85
C ARG B 276 -3.38 -16.71 22.98
N VAL B 277 -3.99 -17.02 21.86
CA VAL B 277 -5.22 -17.81 21.79
C VAL B 277 -4.94 -19.02 20.92
N ARG B 278 -5.08 -20.22 21.49
CA ARG B 278 -4.74 -21.46 20.81
C ARG B 278 -5.92 -22.42 20.87
N GLY B 279 -6.59 -22.62 19.73
CA GLY B 279 -7.66 -23.59 19.66
C GLY B 279 -8.83 -23.30 20.58
N VAL B 280 -9.40 -22.11 20.46
CA VAL B 280 -10.49 -21.66 21.33
C VAL B 280 -11.75 -21.51 20.48
N ASP B 281 -12.81 -22.21 20.88
CA ASP B 281 -14.09 -22.17 20.18
C ASP B 281 -14.96 -21.10 20.83
N GLY B 282 -14.92 -19.91 20.26
CA GLY B 282 -15.64 -18.78 20.80
C GLY B 282 -14.70 -17.87 21.58
N MET B 283 -14.25 -16.79 20.95
CA MET B 283 -13.28 -15.91 21.58
C MET B 283 -13.62 -14.47 21.23
N GLN B 284 -13.92 -13.67 22.25
CA GLN B 284 -14.09 -12.24 22.10
C GLN B 284 -12.87 -11.53 22.66
N LEU B 285 -12.28 -10.65 21.86
CA LEU B 285 -11.11 -9.85 22.25
C LEU B 285 -11.50 -8.40 22.03
N LEU B 286 -11.93 -7.73 23.09
CA LEU B 286 -12.62 -6.45 22.95
C LEU B 286 -11.95 -5.35 23.77
N ASP B 287 -11.65 -4.23 23.11
CA ASP B 287 -11.37 -2.96 23.76
C ASP B 287 -10.22 -3.04 24.77
N ASN B 288 -9.16 -3.76 24.40
CA ASN B 288 -8.00 -3.91 25.27
C ASN B 288 -6.92 -2.90 24.88
N ASP B 289 -5.99 -2.67 25.82
CA ASP B 289 -4.84 -1.80 25.61
C ASP B 289 -3.59 -2.67 25.69
N ILE B 290 -3.02 -3.00 24.54
CA ILE B 290 -1.94 -3.97 24.43
C ILE B 290 -0.75 -3.27 23.76
N HIS B 291 0.40 -3.31 24.42
CA HIS B 291 1.59 -2.64 23.90
C HIS B 291 2.83 -3.20 24.56
N ASP B 292 3.97 -3.06 23.86
CA ASP B 292 5.30 -3.31 24.41
C ASP B 292 5.45 -4.72 24.98
N ASN B 293 4.85 -5.70 24.32
CA ASN B 293 5.04 -7.10 24.71
C ASN B 293 6.16 -7.70 23.87
N ALA B 294 6.33 -9.02 23.96
CA ALA B 294 7.39 -9.73 23.24
C ALA B 294 8.76 -9.14 23.57
N GLN B 295 8.99 -8.89 24.86
CA GLN B 295 10.21 -8.22 25.29
C GLN B 295 11.44 -9.11 25.18
N GLY B 296 11.26 -10.43 25.19
CA GLY B 296 12.34 -11.36 24.97
C GLY B 296 12.45 -11.88 23.55
N GLY B 297 11.72 -11.30 22.62
CA GLY B 297 11.64 -11.79 21.26
C GLY B 297 10.21 -12.10 20.85
N GLY B 298 10.04 -12.25 19.54
CA GLY B 298 8.72 -12.47 18.98
C GLY B 298 8.28 -11.32 18.10
N LYS B 299 7.32 -11.62 17.23
CA LYS B 299 6.89 -10.68 16.21
C LYS B 299 5.45 -10.21 16.39
N ALA B 300 4.74 -10.66 17.41
CA ALA B 300 3.33 -10.38 17.53
C ALA B 300 2.96 -9.95 18.94
N GLU B 301 2.03 -9.01 19.04
CA GLU B 301 1.39 -8.66 20.31
C GLU B 301 0.19 -9.54 20.60
N ILE B 302 -0.56 -9.93 19.57
CA ILE B 302 -1.70 -10.83 19.68
C ILE B 302 -1.51 -11.96 18.69
N VAL B 303 -1.70 -13.19 19.16
CA VAL B 303 -1.61 -14.38 18.31
C VAL B 303 -2.93 -15.13 18.44
N LEU B 304 -3.57 -15.39 17.31
CA LEU B 304 -4.67 -16.34 17.22
C LEU B 304 -4.23 -17.51 16.36
N GLU B 305 -4.41 -18.72 16.87
CA GLU B 305 -3.89 -19.91 16.20
C GLU B 305 -4.69 -21.12 16.68
N ASP B 306 -4.50 -22.23 15.99
CA ASP B 306 -5.10 -23.49 16.39
C ASP B 306 -4.19 -24.23 17.36
N TYR B 307 -4.70 -25.30 17.95
CA TYR B 307 -3.89 -26.17 18.79
C TYR B 307 -4.04 -27.60 18.28
N ASP B 308 -2.92 -28.18 17.85
CA ASP B 308 -2.90 -29.52 17.27
C ASP B 308 -2.51 -30.49 18.38
N ASP B 309 -3.53 -31.05 19.05
CA ASP B 309 -3.34 -32.09 20.06
C ASP B 309 -3.61 -33.48 19.46
N ARG B 310 -3.30 -33.66 18.17
CA ARG B 310 -3.46 -34.97 17.55
C ARG B 310 -2.40 -35.95 18.06
N ASP B 311 -1.25 -35.45 18.48
CA ASP B 311 -0.20 -36.27 19.08
C ASP B 311 -0.27 -36.24 20.59
N GLY B 312 -1.31 -35.65 21.16
CA GLY B 312 -1.45 -35.49 22.60
C GLY B 312 -2.42 -36.47 23.21
N VAL B 313 -2.92 -36.12 24.40
CA VAL B 313 -3.79 -37.02 25.16
C VAL B 313 -5.16 -37.16 24.50
N SER B 314 -5.60 -36.15 23.76
CA SER B 314 -6.92 -36.18 23.14
C SER B 314 -6.90 -36.68 21.70
N GLY B 315 -5.79 -36.51 21.00
CA GLY B 315 -5.74 -36.91 19.61
C GLY B 315 -6.56 -36.04 18.69
N ASN B 316 -6.84 -34.80 19.08
CA ASN B 316 -7.76 -33.94 18.36
C ASN B 316 -7.06 -32.68 17.88
N TYR B 317 -7.60 -32.09 16.82
CA TYR B 317 -7.15 -30.79 16.33
C TYR B 317 -8.23 -29.77 16.68
N TYR B 318 -7.82 -28.69 17.35
CA TYR B 318 -8.76 -27.69 17.83
C TYR B 318 -8.52 -26.41 17.06
N GLU B 319 -9.54 -25.96 16.33
CA GLU B 319 -9.47 -24.74 15.56
C GLU B 319 -10.02 -23.58 16.37
N THR B 320 -9.35 -22.43 16.29
CA THR B 320 -9.90 -21.21 16.86
C THR B 320 -11.12 -20.81 16.02
N LEU B 321 -12.26 -20.68 16.68
CA LEU B 321 -13.53 -20.48 15.99
C LEU B 321 -14.31 -19.37 16.69
N ASN B 322 -15.20 -18.74 15.91
CA ASN B 322 -16.16 -17.77 16.44
C ASN B 322 -15.44 -16.64 17.18
N ALA B 323 -14.58 -15.95 16.45
CA ALA B 323 -13.74 -14.89 17.01
C ALA B 323 -14.30 -13.53 16.66
N THR B 324 -14.38 -12.66 17.67
CA THR B 324 -14.75 -11.26 17.49
C THR B 324 -13.64 -10.43 18.14
N VAL B 325 -12.78 -9.84 17.32
CA VAL B 325 -11.64 -9.05 17.81
C VAL B 325 -11.88 -7.62 17.36
N GLN B 326 -12.29 -6.76 18.29
CA GLN B 326 -12.73 -5.41 17.92
C GLN B 326 -12.37 -4.41 19.01
N GLY B 327 -11.96 -3.21 18.58
CA GLY B 327 -11.78 -2.08 19.47
C GLY B 327 -10.46 -2.00 20.20
N ASN B 328 -9.55 -2.95 19.98
CA ASN B 328 -8.31 -3.00 20.74
C ASN B 328 -7.29 -1.99 20.24
N ARG B 329 -6.49 -1.48 21.18
CA ARG B 329 -5.29 -0.71 20.85
C ARG B 329 -4.10 -1.65 20.95
N VAL B 330 -3.46 -1.91 19.81
CA VAL B 330 -2.36 -2.86 19.73
C VAL B 330 -1.16 -2.15 19.14
N ALA B 331 -0.10 -2.00 19.93
CA ALA B 331 1.14 -1.38 19.47
C ALA B 331 2.09 -2.43 18.93
N GLY B 332 1.59 -3.17 17.94
CA GLY B 332 2.39 -4.20 17.31
C GLY B 332 1.52 -5.06 16.40
N ALA B 333 2.14 -6.12 15.89
CA ALA B 333 1.47 -7.01 14.94
C ALA B 333 0.45 -7.89 15.65
N ALA B 334 -0.71 -8.03 15.03
CA ALA B 334 -1.77 -8.93 15.51
C ALA B 334 -2.02 -10.00 14.46
N GLN B 335 -1.92 -11.26 14.84
CA GLN B 335 -2.21 -12.39 13.96
C GLN B 335 -3.61 -12.89 14.29
N LEU B 336 -4.57 -12.54 13.43
CA LEU B 336 -5.98 -12.83 13.65
C LEU B 336 -6.41 -13.88 12.63
N LEU B 337 -6.35 -15.14 13.03
CA LEU B 337 -6.70 -16.26 12.16
C LEU B 337 -7.89 -17.01 12.74
N SER B 338 -8.84 -17.36 11.88
CA SER B 338 -10.02 -18.11 12.29
C SER B 338 -10.39 -19.08 11.18
N SER B 339 -11.58 -19.67 11.31
CA SER B 339 -12.03 -20.76 10.44
C SER B 339 -13.55 -20.67 10.33
N GLU B 340 -14.18 -21.79 9.96
CA GLU B 340 -15.61 -21.85 9.68
C GLU B 340 -16.43 -21.07 10.70
N GLY B 341 -17.47 -20.40 10.21
CA GLY B 341 -18.25 -19.46 10.98
C GLY B 341 -17.95 -18.02 10.60
N ARG B 342 -18.82 -17.13 11.07
CA ARG B 342 -18.68 -15.71 10.80
C ARG B 342 -17.75 -15.10 11.84
N ASP B 343 -16.67 -14.48 11.37
CA ASP B 343 -15.67 -13.87 12.24
C ASP B 343 -15.54 -12.38 11.94
N LEU B 344 -15.46 -11.58 12.99
CA LEU B 344 -15.20 -10.16 12.90
C LEU B 344 -13.78 -9.93 13.42
N LEU B 345 -12.87 -9.57 12.52
CA LEU B 345 -11.46 -9.41 12.85
C LEU B 345 -11.02 -8.00 12.49
N ASP B 346 -10.63 -7.23 13.49
CA ASP B 346 -10.16 -5.86 13.31
C ASP B 346 -8.71 -5.76 13.78
N GLY B 347 -7.85 -5.26 12.89
CA GLY B 347 -6.48 -4.99 13.24
C GLY B 347 -6.33 -3.65 13.95
N ALA B 348 -5.08 -3.27 14.16
CA ALA B 348 -4.74 -2.03 14.86
C ALA B 348 -3.55 -1.40 14.16
N ALA B 349 -2.87 -0.47 14.84
CA ALA B 349 -1.84 0.33 14.21
C ALA B 349 -0.67 -0.49 13.66
N GLY B 350 -0.49 -1.71 14.13
CA GLY B 350 0.61 -2.54 13.66
C GLY B 350 0.34 -3.17 12.31
N ASN B 351 1.35 -3.89 11.81
CA ASN B 351 1.26 -4.61 10.54
C ASN B 351 0.70 -5.99 10.82
N ASP B 352 -0.59 -6.16 10.55
CA ASP B 352 -1.33 -7.34 10.99
C ASP B 352 -1.57 -8.32 9.84
N LEU B 353 -1.80 -9.58 10.21
CA LEU B 353 -2.26 -10.61 9.29
C LEU B 353 -3.67 -11.03 9.68
N LEU B 354 -4.58 -11.03 8.71
CA LEU B 354 -5.97 -11.38 8.94
C LEU B 354 -6.41 -12.47 7.98
N ASP B 355 -7.04 -13.51 8.52
CA ASP B 355 -7.62 -14.58 7.69
C ASP B 355 -8.79 -15.18 8.46
N GLY B 356 -10.01 -14.90 7.99
CA GLY B 356 -11.20 -15.40 8.65
C GLY B 356 -11.55 -16.85 8.34
N GLY B 357 -10.90 -17.44 7.34
CA GLY B 357 -11.22 -18.83 7.02
C GLY B 357 -12.58 -18.96 6.34
N ALA B 358 -13.19 -20.13 6.51
CA ALA B 358 -14.49 -20.38 5.94
C ALA B 358 -15.57 -19.53 6.61
N GLY B 359 -16.69 -19.37 5.93
CA GLY B 359 -17.76 -18.52 6.39
C GLY B 359 -17.60 -17.09 5.92
N ARG B 360 -18.62 -16.28 6.21
CA ARG B 360 -18.64 -14.89 5.81
C ARG B 360 -18.03 -14.05 6.93
N ASP B 361 -16.87 -13.45 6.67
CA ASP B 361 -16.11 -12.71 7.67
C ASP B 361 -16.04 -11.24 7.29
N THR B 362 -15.94 -10.39 8.31
CA THR B 362 -15.76 -8.94 8.14
C THR B 362 -14.39 -8.57 8.69
N LEU B 363 -13.51 -8.12 7.80
CA LEU B 363 -12.12 -7.84 8.13
C LEU B 363 -11.82 -6.35 8.00
N SER B 364 -11.01 -5.83 8.92
CA SER B 364 -10.49 -4.48 8.83
C SER B 364 -9.06 -4.48 9.37
N GLY B 365 -8.17 -3.79 8.66
CA GLY B 365 -6.76 -3.81 9.02
C GLY B 365 -6.32 -2.69 9.93
N GLY B 366 -7.04 -1.57 9.93
CA GLY B 366 -6.59 -0.43 10.69
C GLY B 366 -5.35 0.21 10.09
N GLY B 367 -4.55 0.84 10.95
CA GLY B 367 -3.33 1.46 10.50
C GLY B 367 -2.27 0.43 10.12
N GLY B 368 -1.23 0.93 9.44
CA GLY B 368 -0.14 0.08 9.01
C GLY B 368 -0.45 -0.68 7.73
N ALA B 369 0.52 -1.51 7.33
CA ALA B 369 0.40 -2.36 6.15
C ALA B 369 -0.03 -3.75 6.59
N ASP B 370 -1.26 -4.12 6.26
CA ASP B 370 -1.88 -5.35 6.72
C ASP B 370 -2.09 -6.33 5.57
N THR B 371 -1.87 -7.62 5.85
CA THR B 371 -2.12 -8.68 4.88
C THR B 371 -3.47 -9.33 5.17
N PHE B 372 -4.33 -9.38 4.15
CA PHE B 372 -5.61 -10.08 4.23
C PHE B 372 -5.48 -11.34 3.39
N ARG B 373 -5.39 -12.49 4.05
CA ARG B 373 -5.13 -13.75 3.37
C ARG B 373 -6.43 -14.52 3.15
N PHE B 374 -6.59 -15.05 1.94
CA PHE B 374 -7.70 -15.91 1.58
C PHE B 374 -7.13 -17.24 1.08
N ALA B 375 -7.30 -18.30 1.87
CA ALA B 375 -6.57 -19.54 1.65
C ALA B 375 -7.34 -20.57 0.84
N ASP B 376 -8.66 -20.40 0.65
CA ASP B 376 -9.44 -21.35 -0.12
C ASP B 376 -10.49 -20.58 -0.91
N ARG B 377 -10.80 -21.06 -2.12
CA ARG B 377 -11.81 -20.43 -2.95
C ARG B 377 -13.19 -20.52 -2.33
N GLN B 378 -13.44 -21.54 -1.50
CA GLN B 378 -14.71 -21.69 -0.82
C GLN B 378 -14.84 -20.79 0.40
N ASP B 379 -13.77 -20.09 0.79
CA ASP B 379 -13.77 -19.30 2.01
C ASP B 379 -14.45 -17.94 1.84
N SER B 380 -14.78 -17.55 0.62
CA SER B 380 -15.49 -16.30 0.35
C SER B 380 -16.12 -16.46 -1.02
N PHE B 381 -17.45 -16.57 -1.08
CA PHE B 381 -18.07 -16.91 -2.36
C PHE B 381 -19.54 -16.51 -2.35
N ARG B 382 -20.09 -16.41 -3.55
CA ARG B 382 -21.51 -16.20 -3.74
C ARG B 382 -22.04 -17.24 -4.72
N ASN B 383 -23.20 -17.81 -4.43
CA ASN B 383 -23.85 -18.79 -5.28
C ASN B 383 -25.17 -18.17 -5.75
N TYR B 384 -25.21 -17.76 -7.01
CA TYR B 384 -26.38 -17.07 -7.53
C TYR B 384 -27.55 -18.04 -7.73
N GLU B 385 -27.26 -19.24 -8.25
CA GLU B 385 -28.30 -20.24 -8.43
C GLU B 385 -28.81 -20.76 -7.09
N GLY B 386 -27.91 -20.93 -6.11
CA GLY B 386 -28.32 -21.30 -4.77
C GLY B 386 -28.80 -20.15 -3.90
N ASP B 387 -28.67 -18.92 -4.39
CA ASP B 387 -29.07 -17.72 -3.65
C ASP B 387 -28.43 -17.64 -2.28
N THR B 388 -27.14 -17.99 -2.20
CA THR B 388 -26.42 -17.97 -0.94
C THR B 388 -25.23 -17.02 -1.06
N SER B 389 -25.19 -16.00 -0.21
CA SER B 389 -24.11 -15.02 -0.20
C SER B 389 -23.24 -15.27 1.02
N ARG B 390 -21.97 -15.59 0.81
CA ARG B 390 -20.96 -15.77 1.84
C ARG B 390 -19.69 -15.01 1.46
N VAL B 391 -19.84 -13.76 1.08
CA VAL B 391 -18.73 -12.97 0.54
C VAL B 391 -18.10 -12.17 1.68
N ASP B 392 -16.82 -12.44 1.94
CA ASP B 392 -16.06 -11.65 2.90
C ASP B 392 -15.95 -10.21 2.47
N ASP B 393 -16.18 -9.30 3.41
CA ASP B 393 -16.03 -7.86 3.16
C ASP B 393 -14.85 -7.34 3.95
N ILE B 394 -13.98 -6.61 3.26
CA ILE B 394 -12.85 -5.91 3.85
C ILE B 394 -13.22 -4.44 3.98
N VAL B 395 -13.07 -3.91 5.19
CA VAL B 395 -13.66 -2.63 5.55
C VAL B 395 -12.81 -1.47 5.06
N ASP B 396 -11.48 -1.58 5.20
CA ASP B 396 -10.60 -0.41 5.05
C ASP B 396 -9.35 -0.77 4.26
N PHE B 397 -9.51 -1.49 3.15
CA PHE B 397 -8.33 -1.83 2.35
C PHE B 397 -7.71 -0.57 1.78
N THR B 398 -6.39 -0.46 1.91
CA THR B 398 -5.65 0.74 1.51
C THR B 398 -4.64 0.42 0.42
N PRO B 399 -4.92 0.76 -0.84
CA PRO B 399 -3.94 0.50 -1.91
C PRO B 399 -2.64 1.22 -1.63
N GLY B 400 -1.53 0.54 -1.95
CA GLY B 400 -0.22 1.07 -1.68
C GLY B 400 0.38 0.64 -0.36
N ALA B 401 -0.45 0.26 0.61
CA ALA B 401 0.02 -0.21 1.90
C ALA B 401 -0.42 -1.64 2.20
N ASP B 402 -1.72 -1.93 2.10
CA ASP B 402 -2.25 -3.23 2.45
C ASP B 402 -2.06 -4.22 1.31
N LEU B 403 -2.24 -5.50 1.62
CA LEU B 403 -2.03 -6.57 0.66
C LEU B 403 -3.13 -7.61 0.77
N ILE B 404 -3.64 -8.07 -0.36
CA ILE B 404 -4.56 -9.20 -0.43
C ILE B 404 -3.76 -10.43 -0.85
N ASP B 405 -3.70 -11.43 0.02
CA ASP B 405 -2.88 -12.62 -0.21
C ASP B 405 -3.78 -13.71 -0.77
N LEU B 406 -3.74 -13.88 -2.10
CA LEU B 406 -4.46 -14.93 -2.79
C LEU B 406 -3.48 -15.96 -3.37
N SER B 407 -2.31 -16.08 -2.75
CA SER B 407 -1.21 -16.84 -3.35
C SER B 407 -1.52 -18.32 -3.52
N GLY B 408 -2.49 -18.85 -2.78
CA GLY B 408 -2.81 -20.26 -2.87
C GLY B 408 -4.08 -20.61 -3.61
N LEU B 409 -4.59 -19.69 -4.43
CA LEU B 409 -5.90 -19.86 -5.05
C LEU B 409 -5.86 -20.17 -6.54
N GLY B 410 -4.70 -20.13 -7.19
CA GLY B 410 -4.60 -20.51 -8.58
C GLY B 410 -5.08 -19.48 -9.58
N TYR B 411 -5.31 -18.24 -9.16
CA TYR B 411 -5.62 -17.15 -10.08
C TYR B 411 -4.33 -16.54 -10.61
N SER B 412 -4.39 -16.04 -11.85
CA SER B 412 -3.19 -15.54 -12.53
C SER B 412 -3.03 -14.03 -12.43
N GLY B 413 -4.09 -13.27 -12.24
CA GLY B 413 -3.97 -11.84 -12.14
C GLY B 413 -5.32 -11.17 -12.31
N LEU B 414 -5.28 -9.84 -12.39
CA LEU B 414 -6.48 -9.06 -12.65
C LEU B 414 -6.86 -9.15 -14.12
N GLY B 415 -8.14 -9.02 -14.39
CA GLY B 415 -8.64 -9.10 -15.75
C GLY B 415 -10.13 -8.91 -15.87
N ASP B 416 -10.76 -9.67 -16.76
CA ASP B 416 -12.20 -9.61 -16.96
C ASP B 416 -12.97 -10.55 -16.04
N GLY B 417 -12.27 -11.37 -15.26
CA GLY B 417 -12.92 -12.30 -14.37
C GLY B 417 -13.11 -13.70 -14.93
N TYR B 418 -12.61 -13.98 -16.12
CA TYR B 418 -12.74 -15.29 -16.75
C TYR B 418 -11.36 -15.88 -17.01
N ASN B 419 -11.34 -17.21 -17.13
CA ASN B 419 -10.14 -17.96 -17.49
C ASN B 419 -8.98 -17.65 -16.54
N GLY B 420 -9.27 -17.73 -15.24
CA GLY B 420 -8.24 -17.60 -14.23
C GLY B 420 -7.90 -16.19 -13.80
N THR B 421 -8.65 -15.19 -14.27
CA THR B 421 -8.43 -13.80 -13.85
C THR B 421 -9.56 -13.36 -12.94
N LEU B 422 -9.31 -12.26 -12.22
CA LEU B 422 -10.29 -11.67 -11.31
C LEU B 422 -10.64 -10.28 -11.79
N ALA B 423 -11.94 -10.00 -11.89
CA ALA B 423 -12.43 -8.72 -12.37
C ALA B 423 -12.60 -7.75 -11.21
N LEU B 424 -12.09 -6.53 -11.38
CA LEU B 424 -12.23 -5.46 -10.41
C LEU B 424 -13.43 -4.61 -10.86
N LEU B 425 -14.51 -4.67 -10.10
CA LEU B 425 -15.78 -4.08 -10.52
C LEU B 425 -16.30 -3.16 -9.43
N LEU B 426 -17.11 -2.18 -9.84
CA LEU B 426 -17.77 -1.27 -8.93
C LEU B 426 -19.27 -1.54 -8.93
N ASN B 427 -19.89 -1.45 -7.75
CA ASN B 427 -21.32 -1.62 -7.69
C ASN B 427 -22.02 -0.43 -8.35
N GLU B 428 -23.31 -0.59 -8.61
CA GLU B 428 -24.08 0.45 -9.29
C GLU B 428 -24.39 1.63 -8.39
N ASP B 429 -23.98 1.59 -7.12
CA ASP B 429 -24.12 2.72 -6.22
C ASP B 429 -22.85 3.54 -6.09
N GLY B 430 -21.69 2.96 -6.40
CA GLY B 430 -20.42 3.62 -6.21
C GLY B 430 -19.83 3.50 -4.82
N THR B 431 -20.39 2.62 -3.97
CA THR B 431 -19.97 2.51 -2.59
C THR B 431 -19.15 1.26 -2.28
N LYS B 432 -19.13 0.27 -3.18
CA LYS B 432 -18.43 -0.98 -2.94
C LYS B 432 -17.69 -1.41 -4.20
N THR B 433 -16.51 -2.00 -4.02
CA THR B 433 -15.72 -2.58 -5.09
C THR B 433 -15.65 -4.09 -4.87
N TYR B 434 -15.64 -4.85 -5.94
CA TYR B 434 -15.61 -6.30 -5.85
C TYR B 434 -14.45 -6.86 -6.65
N LEU B 435 -13.81 -7.89 -6.10
CA LEU B 435 -12.91 -8.76 -6.85
C LEU B 435 -13.70 -10.03 -7.12
N LYS B 436 -14.03 -10.27 -8.38
CA LYS B 436 -14.98 -11.32 -8.76
C LYS B 436 -14.32 -12.33 -9.68
N ASP B 437 -14.56 -13.61 -9.37
CA ASP B 437 -14.34 -14.70 -10.33
C ASP B 437 -15.66 -14.93 -11.04
N ARG B 438 -15.77 -14.43 -12.27
CA ARG B 438 -17.02 -14.56 -13.01
C ARG B 438 -17.30 -15.99 -13.45
N GLN B 439 -16.35 -16.91 -13.26
CA GLN B 439 -16.58 -18.31 -13.54
C GLN B 439 -17.06 -19.03 -12.29
N ALA B 440 -18.08 -19.88 -12.47
CA ALA B 440 -18.62 -20.68 -11.38
C ALA B 440 -17.94 -22.05 -11.35
N ASP B 441 -17.84 -22.62 -10.16
CA ASP B 441 -17.30 -23.96 -10.00
C ASP B 441 -18.38 -24.98 -10.41
N ALA B 442 -18.10 -26.26 -10.18
CA ALA B 442 -19.07 -27.29 -10.52
C ALA B 442 -20.36 -27.14 -9.72
N GLN B 443 -20.27 -26.58 -8.52
CA GLN B 443 -21.43 -26.39 -7.65
C GLN B 443 -22.08 -25.02 -7.81
N GLY B 444 -21.61 -24.21 -8.77
CA GLY B 444 -22.21 -22.91 -9.01
C GLY B 444 -21.74 -21.80 -8.11
N ASN B 445 -20.58 -21.93 -7.47
CA ASN B 445 -20.05 -20.94 -6.56
C ASN B 445 -19.05 -20.05 -7.27
N HIS B 446 -19.13 -18.74 -7.02
CA HIS B 446 -18.20 -17.76 -7.57
C HIS B 446 -17.38 -17.20 -6.42
N PHE B 447 -16.06 -17.35 -6.51
CA PHE B 447 -15.18 -16.73 -5.52
C PHE B 447 -15.25 -15.21 -5.66
N GLU B 448 -15.59 -14.52 -4.57
CA GLU B 448 -15.74 -13.08 -4.59
C GLU B 448 -15.22 -12.48 -3.29
N ILE B 449 -14.72 -11.25 -3.39
CA ILE B 449 -14.31 -10.46 -2.24
C ILE B 449 -14.93 -9.07 -2.37
N ALA B 450 -15.54 -8.58 -1.31
CA ALA B 450 -16.14 -7.25 -1.28
C ALA B 450 -15.20 -6.32 -0.51
N LEU B 451 -14.98 -5.13 -1.06
CA LEU B 451 -14.10 -4.13 -0.46
C LEU B 451 -14.90 -2.84 -0.35
N ASP B 452 -15.07 -2.33 0.87
CA ASP B 452 -15.84 -1.12 1.02
C ASP B 452 -15.09 0.09 0.46
N GLY B 453 -15.82 0.96 -0.23
CA GLY B 453 -15.25 2.11 -0.90
C GLY B 453 -15.19 1.92 -2.42
N ASN B 454 -14.63 2.95 -3.07
CA ASN B 454 -14.44 2.95 -4.52
C ASN B 454 -12.96 2.82 -4.79
N LEU B 455 -12.54 1.62 -5.22
CA LEU B 455 -11.12 1.31 -5.38
C LEU B 455 -10.78 0.86 -6.80
N VAL B 456 -11.68 1.02 -7.76
CA VAL B 456 -11.45 0.53 -9.11
C VAL B 456 -10.28 1.27 -9.77
N ASP B 457 -10.03 2.51 -9.37
CA ASP B 457 -9.00 3.33 -10.00
C ASP B 457 -7.70 3.38 -9.20
N SER B 458 -7.74 3.01 -7.92
CA SER B 458 -6.54 3.04 -7.07
C SER B 458 -5.91 1.68 -6.85
N LEU B 459 -6.71 0.61 -6.86
CA LEU B 459 -6.18 -0.73 -6.66
C LEU B 459 -5.37 -1.17 -7.87
N SER B 460 -4.17 -1.67 -7.64
CA SER B 460 -3.26 -2.06 -8.70
C SER B 460 -2.86 -3.52 -8.52
N ALA B 461 -2.06 -4.03 -9.47
CA ALA B 461 -1.68 -5.43 -9.45
C ALA B 461 -0.78 -5.76 -8.27
N THR B 462 0.07 -4.82 -7.85
CA THR B 462 0.99 -5.06 -6.74
C THR B 462 0.29 -5.12 -5.39
N ASP B 463 -1.00 -4.82 -5.33
CA ASP B 463 -1.75 -4.95 -4.09
C ASP B 463 -2.27 -6.36 -3.84
N ILE B 464 -2.13 -7.25 -4.82
CA ILE B 464 -2.61 -8.63 -4.70
C ILE B 464 -1.45 -9.56 -5.01
N ALA B 465 -1.26 -10.57 -4.16
CA ALA B 465 -0.28 -11.62 -4.39
C ALA B 465 -1.00 -12.83 -4.96
N PHE B 466 -0.68 -13.18 -6.21
CA PHE B 466 -1.38 -14.25 -6.90
C PHE B 466 -0.68 -15.60 -6.81
N ASP B 467 0.59 -15.62 -6.41
CA ASP B 467 1.31 -16.87 -6.20
C ASP B 467 2.33 -16.69 -5.09
N ALA B 468 3.10 -17.74 -4.82
CA ALA B 468 4.02 -17.74 -3.70
C ALA B 468 5.16 -16.75 -3.91
N THR B 469 5.65 -16.63 -5.15
CA THR B 469 6.70 -15.67 -5.44
C THR B 469 6.22 -14.24 -5.22
N GLN B 470 4.99 -13.95 -5.65
CA GLN B 470 4.45 -12.60 -5.46
C GLN B 470 4.21 -12.31 -3.98
N LEU B 471 3.79 -13.33 -3.20
CA LEU B 471 3.67 -13.13 -1.76
C LEU B 471 5.04 -12.88 -1.12
N GLU B 472 6.06 -13.60 -1.58
CA GLU B 472 7.41 -13.40 -1.04
C GLU B 472 7.92 -11.99 -1.35
N LEU B 473 7.69 -11.51 -2.57
CA LEU B 473 8.17 -10.19 -2.96
C LEU B 473 7.35 -9.05 -2.37
N LEU B 474 6.04 -9.24 -2.23
CA LEU B 474 5.12 -8.17 -1.84
C LEU B 474 4.71 -8.23 -0.38
N GLY B 475 5.12 -9.27 0.35
CA GLY B 475 4.62 -9.47 1.70
C GLY B 475 4.95 -8.31 2.61
N THR B 476 3.99 -7.96 3.46
CA THR B 476 4.15 -6.85 4.39
C THR B 476 4.53 -7.31 5.79
N THR B 477 4.42 -8.61 6.09
CA THR B 477 4.71 -9.13 7.40
C THR B 477 5.52 -10.41 7.27
N ASP B 478 6.21 -10.76 8.35
CA ASP B 478 6.90 -12.05 8.46
C ASP B 478 6.02 -13.13 9.08
N LEU B 479 4.81 -12.78 9.53
CA LEU B 479 3.93 -13.72 10.21
C LEU B 479 3.38 -14.76 9.25
#